data_2XFN
#
_entry.id   2XFN
#
_cell.length_a   131.544
_cell.length_b   222.445
_cell.length_c   86.365
_cell.angle_alpha   90.00
_cell.angle_beta   90.00
_cell.angle_gamma   90.00
#
_symmetry.space_group_name_H-M   'C 2 2 2'
#
loop_
_entity.id
_entity.type
_entity.pdbx_description
1 polymer 'Amine oxidase [flavin-containing] B'
2 non-polymer 'FLAVIN-ADENINE DINUCLEOTIDE'
3 non-polymer 2-(2-BENZOFURANYL)-2-IMIDAZOLINE
4 non-polymer N-DODECYL-N,N-DIMETHYL-3-AMMONIO-1-PROPANESULFONATE
5 water water
#
_entity_poly.entity_id   1
_entity_poly.type   'polypeptide(L)'
_entity_poly.pdbx_seq_one_letter_code
;MSNKCDVVVVGGGISGMAAAKLLHDSGLNVVVLEARDRVGGRTYTLRNQKVKYVDLGGSYVGPTQNRILRLAKELGLETY
KVNEVERLIHHVKGKSYPFRGPFPPVWNPITYLDHNNFWRTMDDMGREIPSDAPWKAPLAEEWDNMTMKELLDKLCWTES
AKQLATLFVNLCVTAETHEVSALWFLWYVKQCGGTTRIISTTNGGQERKFVGGSGQVSERIMDLLGDRVKLERPVIYIDQ
TRENVLVETLNHEMYEAKYVISAIPPTLGMKIHFNPPLPMMRNQMITRVPLGSVIKCIVYYKEPFWRKKDYCGTMIIDGE
EAPVAYTLDDTKPEGNYAAIMGFILAHKARKLARLTKEERLKKLCELYAKVLGSLEALEPVHYEEKNWCEEQYSGGCYTT
YFPPGILTQYGRVLRQPVDRIYFAGTETATHWSGYMEGAVEAGERAAREILHAMGKIPEDEIWQSEPESVDVPAQPITTT
FLERHLPSVPGLLRLIGLTTIFSATALGFLAHKRGLLVRV
;
_entity_poly.pdbx_strand_id   A,B
#
loop_
_chem_comp.id
_chem_comp.type
_chem_comp.name
_chem_comp.formula
C15 non-polymer N-DODECYL-N,N-DIMETHYL-3-AMMONIO-1-PROPANESULFONATE 'C17 H38 N O3 S 1'
FAD non-polymer 'FLAVIN-ADENINE DINUCLEOTIDE' 'C27 H33 N9 O15 P2'
XCG non-polymer 2-(2-BENZOFURANYL)-2-IMIDAZOLINE 'C11 H8 N2 O'
#
# COMPACT_ATOMS: atom_id res chain seq x y z
N ASN A 3 -9.65 -7.93 32.72
CA ASN A 3 -8.30 -8.49 32.94
C ASN A 3 -8.12 -9.94 32.41
N LYS A 4 -8.57 -10.99 33.12
CA LYS A 4 -8.36 -12.38 32.63
C LYS A 4 -9.58 -12.95 31.92
N CYS A 5 -9.35 -13.56 30.75
CA CYS A 5 -10.44 -14.21 30.00
C CYS A 5 -9.93 -15.34 29.11
N ASP A 6 -10.84 -16.01 28.39
CA ASP A 6 -10.44 -17.00 27.42
C ASP A 6 -9.95 -16.38 26.10
N VAL A 7 -10.74 -15.42 25.59
CA VAL A 7 -10.45 -14.82 24.27
C VAL A 7 -10.65 -13.30 24.32
N VAL A 8 -9.61 -12.56 23.89
CA VAL A 8 -9.76 -11.14 23.61
C VAL A 8 -10.03 -10.98 22.10
N VAL A 9 -11.10 -10.25 21.81
CA VAL A 9 -11.45 -9.86 20.43
C VAL A 9 -11.08 -8.40 20.29
N VAL A 10 -10.18 -8.11 19.36
CA VAL A 10 -9.77 -6.73 19.06
C VAL A 10 -10.67 -6.19 17.94
N GLY A 11 -11.52 -5.24 18.31
CA GLY A 11 -12.46 -4.62 17.33
C GLY A 11 -13.87 -5.07 17.57
N GLY A 12 -14.78 -4.10 17.70
CA GLY A 12 -16.18 -4.36 17.90
C GLY A 12 -17.01 -3.89 16.72
N GLY A 13 -16.51 -4.17 15.50
CA GLY A 13 -17.40 -4.09 14.29
C GLY A 13 -18.24 -5.37 14.21
N ILE A 14 -19.00 -5.56 13.13
CA ILE A 14 -19.81 -6.75 13.00
C ILE A 14 -18.98 -8.03 13.12
N SER A 15 -17.78 -8.04 12.52
CA SER A 15 -16.97 -9.25 12.59
C SER A 15 -16.56 -9.62 14.01
N GLY A 16 -16.01 -8.65 14.75
CA GLY A 16 -15.61 -8.94 16.16
C GLY A 16 -16.81 -9.30 17.02
N MET A 17 -17.90 -8.58 16.81
CA MET A 17 -19.15 -8.84 17.58
C MET A 17 -19.69 -10.23 17.25
N ALA A 18 -19.68 -10.64 15.97
CA ALA A 18 -20.15 -11.99 15.62
C ALA A 18 -19.24 -13.07 16.22
N ALA A 19 -17.94 -12.83 16.19
CA ALA A 19 -17.00 -13.76 16.83
C ALA A 19 -17.27 -13.86 18.34
N ALA A 20 -17.36 -12.71 18.99
CA ALA A 20 -17.54 -12.68 20.44
C ALA A 20 -18.85 -13.38 20.81
N LYS A 21 -19.91 -13.12 20.06
CA LYS A 21 -21.19 -13.75 20.37
C LYS A 21 -21.10 -15.28 20.29
N LEU A 22 -20.49 -15.81 19.22
CA LEU A 22 -20.35 -17.25 19.04
C LEU A 22 -19.56 -17.82 20.22
N LEU A 23 -18.43 -17.19 20.54
CA LEU A 23 -17.61 -17.69 21.67
C LEU A 23 -18.39 -17.66 23.00
N HIS A 24 -19.09 -16.55 23.23
CA HIS A 24 -19.92 -16.38 24.43
C HIS A 24 -20.98 -17.47 24.50
N ASP A 25 -21.68 -17.69 23.39
CA ASP A 25 -22.73 -18.74 23.33
C ASP A 25 -22.18 -20.15 23.55
N SER A 26 -20.91 -20.35 23.23
CA SER A 26 -20.25 -21.66 23.41
CA SER A 26 -20.26 -21.66 23.40
C SER A 26 -19.75 -21.84 24.84
N GLY A 27 -19.97 -20.85 25.70
CA GLY A 27 -19.56 -20.97 27.11
C GLY A 27 -18.20 -20.41 27.47
N LEU A 28 -17.54 -19.70 26.55
CA LEU A 28 -16.25 -19.09 26.86
C LEU A 28 -16.41 -17.67 27.38
N ASN A 29 -15.39 -17.22 28.11
CA ASN A 29 -15.32 -15.88 28.67
C ASN A 29 -14.59 -14.97 27.67
N VAL A 30 -15.34 -14.06 27.07
CA VAL A 30 -14.74 -13.18 26.06
CA VAL A 30 -14.79 -13.18 26.01
C VAL A 30 -14.76 -11.74 26.47
N VAL A 31 -13.81 -10.96 25.95
CA VAL A 31 -13.79 -9.53 26.13
C VAL A 31 -13.62 -8.94 24.74
N VAL A 32 -14.35 -7.87 24.43
CA VAL A 32 -14.16 -7.15 23.15
C VAL A 32 -13.50 -5.83 23.47
N LEU A 33 -12.35 -5.55 22.85
CA LEU A 33 -11.68 -4.26 23.07
C LEU A 33 -11.89 -3.39 21.83
N GLU A 34 -12.64 -2.31 21.99
CA GLU A 34 -13.05 -1.47 20.87
C GLU A 34 -12.43 -0.10 21.02
N ALA A 35 -11.74 0.37 19.97
CA ALA A 35 -11.06 1.66 20.04
C ALA A 35 -11.99 2.88 20.22
N ARG A 36 -13.16 2.86 19.56
CA ARG A 36 -14.08 4.01 19.52
C ARG A 36 -14.98 4.04 20.75
N ASP A 37 -15.69 5.14 20.88
CA ASP A 37 -16.75 5.25 21.88
C ASP A 37 -18.08 4.57 21.48
N ARG A 38 -18.05 3.71 20.46
CA ARG A 38 -19.24 3.01 19.98
C ARG A 38 -18.77 1.72 19.33
N VAL A 39 -19.70 0.79 19.19
CA VAL A 39 -19.50 -0.40 18.37
C VAL A 39 -20.02 -0.15 16.96
N GLY A 40 -19.72 -1.08 16.04
CA GLY A 40 -20.28 -1.00 14.67
C GLY A 40 -19.21 -0.75 13.58
N GLY A 41 -18.15 -0.03 13.91
CA GLY A 41 -17.02 0.16 12.96
C GLY A 41 -17.42 0.89 11.69
N ARG A 42 -17.26 0.16 10.58
CA ARG A 42 -17.66 0.70 9.25
C ARG A 42 -19.17 0.71 9.03
N THR A 43 -19.95 0.22 9.99
CA THR A 43 -21.39 0.56 10.06
C THR A 43 -21.60 1.61 11.13
N TYR A 44 -22.50 2.55 10.84
CA TYR A 44 -22.78 3.64 11.77
C TYR A 44 -24.13 4.17 11.42
N THR A 45 -25.07 4.02 12.37
CA THR A 45 -26.42 4.53 12.16
C THR A 45 -26.59 5.78 13.02
N LEU A 46 -26.73 6.91 12.35
CA LEU A 46 -26.96 8.19 13.03
C LEU A 46 -28.45 8.36 13.31
N ARG A 47 -28.77 8.79 14.54
CA ARG A 47 -30.17 9.07 14.88
C ARG A 47 -30.33 10.53 15.28
N ASN A 48 -31.29 11.21 14.64
CA ASN A 48 -31.66 12.58 15.06
C ASN A 48 -33.11 12.81 14.56
N GLN A 49 -33.70 13.93 14.98
CA GLN A 49 -35.12 14.14 14.67
C GLN A 49 -35.38 14.42 13.20
N LYS A 50 -34.39 14.96 12.49
CA LYS A 50 -34.60 15.32 11.07
C LYS A 50 -34.58 14.09 10.18
N VAL A 51 -33.81 13.06 10.54
CA VAL A 51 -33.73 11.89 9.66
C VAL A 51 -34.41 10.64 10.24
N LYS A 52 -34.74 10.70 11.55
CA LYS A 52 -35.09 9.51 12.37
C LYS A 52 -33.87 8.61 12.57
N TYR A 53 -33.47 7.89 11.51
CA TYR A 53 -32.20 7.16 11.54
C TYR A 53 -31.66 7.15 10.12
N VAL A 54 -30.33 7.06 10.00
CA VAL A 54 -29.73 6.92 8.64
C VAL A 54 -28.40 6.19 8.77
N ASP A 55 -28.20 5.22 7.88
CA ASP A 55 -26.92 4.54 7.79
C ASP A 55 -25.89 5.42 7.07
N LEU A 56 -24.83 5.81 7.79
CA LEU A 56 -23.75 6.58 7.16
C LEU A 56 -22.59 5.68 6.71
N GLY A 57 -22.57 4.43 7.21
CA GLY A 57 -21.66 3.42 6.67
C GLY A 57 -22.37 2.31 5.94
N GLY A 58 -21.91 1.08 6.15
CA GLY A 58 -22.51 -0.08 5.43
C GLY A 58 -23.99 -0.17 5.74
N SER A 59 -24.81 -0.49 4.71
CA SER A 59 -26.28 -0.44 4.83
CA SER A 59 -26.26 -0.48 4.89
C SER A 59 -27.01 -1.60 4.15
N TYR A 60 -26.58 -1.93 2.94
CA TYR A 60 -27.36 -2.84 2.10
C TYR A 60 -27.07 -4.29 2.36
N VAL A 61 -28.13 -5.09 2.29
CA VAL A 61 -27.98 -6.54 2.28
C VAL A 61 -28.85 -7.11 1.16
N GLY A 62 -28.58 -8.36 0.77
CA GLY A 62 -29.38 -8.93 -0.29
C GLY A 62 -29.28 -10.42 -0.39
N PRO A 63 -29.97 -10.98 -1.37
CA PRO A 63 -29.96 -12.45 -1.55
C PRO A 63 -28.55 -13.01 -1.69
N THR A 64 -28.41 -14.22 -1.15
CA THR A 64 -27.13 -14.93 -0.98
C THR A 64 -26.27 -14.48 0.22
N GLN A 65 -26.69 -13.41 0.91
CA GLN A 65 -25.97 -12.96 2.10
C GLN A 65 -26.63 -13.56 3.34
N ASN A 66 -26.53 -14.89 3.43
CA ASN A 66 -27.39 -15.58 4.39
C ASN A 66 -26.96 -15.46 5.83
N ARG A 67 -25.66 -15.22 6.06
CA ARG A 67 -25.15 -15.14 7.43
C ARG A 67 -25.59 -13.85 8.12
N ILE A 68 -25.43 -12.71 7.46
CA ILE A 68 -25.84 -11.45 8.06
C ILE A 68 -27.38 -11.43 8.21
N LEU A 69 -28.12 -12.04 7.27
CA LEU A 69 -29.56 -12.09 7.39
C LEU A 69 -29.95 -12.92 8.62
N ARG A 70 -29.25 -14.04 8.82
CA ARG A 70 -29.57 -14.94 9.93
C ARG A 70 -29.23 -14.26 11.26
N LEU A 71 -28.05 -13.69 11.34
CA LEU A 71 -27.65 -12.98 12.56
C LEU A 71 -28.60 -11.86 12.89
N ALA A 72 -28.94 -11.03 11.89
CA ALA A 72 -29.81 -9.93 12.14
C ALA A 72 -31.23 -10.40 12.58
N LYS A 73 -31.71 -11.47 11.95
CA LYS A 73 -33.05 -12.00 12.29
C LYS A 73 -33.06 -12.46 13.76
N GLU A 74 -32.01 -13.16 14.14
CA GLU A 74 -31.91 -13.73 15.50
C GLU A 74 -31.90 -12.59 16.51
N LEU A 75 -31.30 -11.44 16.14
CA LEU A 75 -31.28 -10.25 17.01
C LEU A 75 -32.57 -9.44 17.02
N GLY A 76 -33.55 -9.87 16.22
CA GLY A 76 -34.88 -9.24 16.18
C GLY A 76 -35.05 -8.14 15.15
N LEU A 77 -34.13 -8.09 14.20
CA LEU A 77 -34.17 -7.07 13.15
C LEU A 77 -34.96 -7.52 11.94
N GLU A 78 -35.48 -6.55 11.18
CA GLU A 78 -36.24 -6.80 9.97
C GLU A 78 -35.62 -6.00 8.81
N THR A 79 -35.84 -6.48 7.58
CA THR A 79 -35.39 -5.73 6.38
C THR A 79 -36.58 -5.12 5.65
N TYR A 80 -36.27 -4.18 4.76
CA TYR A 80 -37.25 -3.71 3.78
C TYR A 80 -36.51 -3.53 2.45
N LYS A 81 -37.28 -3.45 1.36
CA LYS A 81 -36.66 -3.41 0.03
C LYS A 81 -36.42 -1.96 -0.37
N VAL A 82 -35.22 -1.73 -0.91
CA VAL A 82 -34.82 -0.43 -1.48
C VAL A 82 -35.76 -0.19 -2.67
N ASN A 83 -36.18 1.06 -2.87
CA ASN A 83 -37.12 1.36 -3.95
C ASN A 83 -36.57 1.13 -5.35
N GLU A 84 -37.17 0.22 -6.10
CA GLU A 84 -36.79 0.02 -7.51
C GLU A 84 -38.03 -0.19 -8.38
N VAL A 85 -39.13 0.42 -7.98
CA VAL A 85 -40.43 0.28 -8.68
C VAL A 85 -40.37 0.97 -10.04
N GLU A 86 -39.84 2.20 -10.04
CA GLU A 86 -39.82 3.05 -11.26
C GLU A 86 -38.50 2.86 -12.04
N ARG A 87 -38.26 3.68 -13.05
CA ARG A 87 -37.12 3.44 -13.94
C ARG A 87 -35.79 3.92 -13.33
N LEU A 88 -34.73 3.23 -13.74
CA LEU A 88 -33.35 3.64 -13.38
C LEU A 88 -32.92 4.66 -14.39
N ILE A 89 -31.88 5.42 -14.08
CA ILE A 89 -31.32 6.37 -15.06
C ILE A 89 -29.83 6.12 -15.27
N HIS A 90 -29.42 6.08 -16.54
CA HIS A 90 -27.99 6.18 -16.91
C HIS A 90 -27.76 7.56 -17.49
N HIS A 91 -26.88 8.35 -16.86
CA HIS A 91 -26.56 9.70 -17.35
C HIS A 91 -25.16 9.66 -17.93
N VAL A 92 -25.08 9.95 -19.22
CA VAL A 92 -23.79 9.82 -19.92
C VAL A 92 -23.71 10.93 -20.96
N LYS A 93 -22.53 11.55 -21.02
CA LYS A 93 -22.27 12.74 -21.88
C LYS A 93 -23.38 13.81 -21.74
N GLY A 94 -23.77 14.02 -20.50
CA GLY A 94 -24.59 15.16 -20.14
C GLY A 94 -26.07 14.96 -20.36
N LYS A 95 -26.49 13.75 -20.72
CA LYS A 95 -27.90 13.41 -20.93
C LYS A 95 -28.33 12.17 -20.15
N SER A 96 -29.61 12.15 -19.76
CA SER A 96 -30.20 11.00 -19.06
C SER A 96 -31.01 10.07 -19.95
N TYR A 97 -30.80 8.77 -19.73
CA TYR A 97 -31.47 7.70 -20.45
C TYR A 97 -32.10 6.72 -19.46
N PRO A 98 -33.43 6.74 -19.34
CA PRO A 98 -34.11 5.83 -18.41
C PRO A 98 -34.07 4.39 -18.90
N PHE A 99 -34.04 3.45 -17.97
CA PHE A 99 -34.00 2.04 -18.34
C PHE A 99 -34.46 1.15 -17.19
N ARG A 100 -34.63 -0.14 -17.51
CA ARG A 100 -34.89 -1.17 -16.49
C ARG A 100 -33.96 -2.33 -16.75
N GLY A 101 -33.70 -3.09 -15.68
CA GLY A 101 -32.84 -4.27 -15.77
C GLY A 101 -31.51 -3.92 -15.16
N PRO A 102 -30.62 -4.91 -15.01
CA PRO A 102 -29.30 -4.73 -14.38
C PRO A 102 -28.37 -3.76 -15.13
N PHE A 103 -28.38 -3.75 -16.46
CA PHE A 103 -27.48 -2.87 -17.22
C PHE A 103 -28.22 -1.96 -18.22
N PRO A 104 -27.74 -0.71 -18.44
CA PRO A 104 -28.45 0.12 -19.45
C PRO A 104 -28.46 -0.54 -20.85
N PRO A 105 -29.56 -0.42 -21.62
CA PRO A 105 -29.54 -1.11 -22.90
C PRO A 105 -28.54 -0.42 -23.86
N VAL A 106 -27.93 -1.20 -24.72
CA VAL A 106 -27.00 -0.67 -25.70
C VAL A 106 -27.58 -0.98 -27.05
N TRP A 107 -27.81 0.06 -27.86
CA TRP A 107 -28.46 -0.14 -29.16
C TRP A 107 -27.52 -0.38 -30.33
N ASN A 108 -26.39 0.33 -30.37
CA ASN A 108 -25.41 0.08 -31.44
C ASN A 108 -24.94 -1.40 -31.43
N PRO A 109 -25.10 -2.15 -32.55
CA PRO A 109 -24.79 -3.57 -32.51
C PRO A 109 -23.30 -3.87 -32.17
N ILE A 110 -22.37 -3.05 -32.67
CA ILE A 110 -20.92 -3.26 -32.35
C ILE A 110 -20.67 -3.02 -30.88
N THR A 111 -21.27 -1.95 -30.38
CA THR A 111 -21.12 -1.56 -28.98
C THR A 111 -21.81 -2.61 -28.12
N TYR A 112 -22.95 -3.12 -28.59
CA TYR A 112 -23.64 -4.19 -27.89
C TYR A 112 -22.73 -5.42 -27.72
N LEU A 113 -22.06 -5.87 -28.80
CA LEU A 113 -21.15 -6.99 -28.70
C LEU A 113 -20.05 -6.70 -27.65
N ASP A 114 -19.55 -5.47 -27.67
CA ASP A 114 -18.42 -5.14 -26.79
C ASP A 114 -18.87 -5.16 -25.32
N HIS A 115 -20.02 -4.55 -25.03
CA HIS A 115 -20.57 -4.58 -23.65
C HIS A 115 -20.87 -5.99 -23.20
N ASN A 116 -21.57 -6.74 -24.05
CA ASN A 116 -21.91 -8.11 -23.69
C ASN A 116 -20.66 -8.90 -23.38
N ASN A 117 -19.63 -8.76 -24.22
CA ASN A 117 -18.39 -9.49 -24.02
C ASN A 117 -17.67 -9.01 -22.77
N PHE A 118 -17.74 -7.71 -22.44
CA PHE A 118 -16.99 -7.25 -21.26
C PHE A 118 -17.51 -7.96 -19.97
N TRP A 119 -18.81 -7.91 -19.71
CA TRP A 119 -19.39 -8.54 -18.52
C TRP A 119 -19.16 -10.05 -18.51
N ARG A 120 -19.43 -10.67 -19.67
CA ARG A 120 -19.22 -12.09 -19.85
C ARG A 120 -17.79 -12.49 -19.51
N THR A 121 -16.83 -11.69 -19.99
CA THR A 121 -15.42 -12.02 -19.79
C THR A 121 -15.01 -11.82 -18.32
N MET A 122 -15.55 -10.80 -17.67
CA MET A 122 -15.32 -10.63 -16.22
C MET A 122 -15.73 -11.88 -15.46
N ASP A 123 -16.88 -12.44 -15.83
CA ASP A 123 -17.39 -13.61 -15.12
C ASP A 123 -16.65 -14.88 -15.55
N ASP A 124 -16.28 -14.95 -16.83
CA ASP A 124 -15.50 -16.10 -17.30
C ASP A 124 -14.15 -16.20 -16.55
N MET A 125 -13.46 -15.06 -16.47
CA MET A 125 -12.19 -15.00 -15.76
C MET A 125 -12.37 -15.37 -14.32
N GLY A 126 -13.45 -14.86 -13.72
CA GLY A 126 -13.76 -15.12 -12.29
C GLY A 126 -13.88 -16.62 -11.99
N ARG A 127 -14.42 -17.38 -12.97
CA ARG A 127 -14.60 -18.82 -12.75
C ARG A 127 -13.28 -19.59 -12.66
N GLU A 128 -12.19 -18.97 -13.12
CA GLU A 128 -10.84 -19.53 -13.00
C GLU A 128 -10.22 -19.33 -11.63
N ILE A 129 -10.84 -18.49 -10.79
CA ILE A 129 -10.19 -18.01 -9.55
C ILE A 129 -10.88 -18.61 -8.32
N PRO A 130 -10.18 -19.48 -7.58
CA PRO A 130 -10.82 -20.05 -6.38
C PRO A 130 -11.11 -18.98 -5.32
N SER A 131 -12.32 -19.00 -4.79
CA SER A 131 -12.74 -18.01 -3.77
C SER A 131 -11.86 -18.03 -2.54
N ASP A 132 -11.39 -19.21 -2.18
CA ASP A 132 -10.59 -19.28 -0.95
C ASP A 132 -9.08 -19.23 -1.17
N ALA A 133 -8.67 -19.06 -2.43
CA ALA A 133 -7.25 -19.06 -2.78
C ALA A 133 -7.06 -18.45 -4.17
N PRO A 134 -7.28 -17.14 -4.29
CA PRO A 134 -7.20 -16.56 -5.65
C PRO A 134 -5.82 -16.66 -6.31
N TRP A 135 -4.76 -16.69 -5.49
CA TRP A 135 -3.39 -16.84 -5.98
C TRP A 135 -3.20 -18.22 -6.67
N LYS A 136 -4.16 -19.12 -6.54
CA LYS A 136 -4.10 -20.44 -7.23
C LYS A 136 -4.72 -20.44 -8.61
N ALA A 137 -5.28 -19.31 -9.06
CA ALA A 137 -5.79 -19.26 -10.43
C ALA A 137 -4.64 -19.60 -11.43
N PRO A 138 -4.94 -20.29 -12.55
CA PRO A 138 -3.88 -20.68 -13.46
C PRO A 138 -3.01 -19.54 -13.96
N LEU A 139 -3.62 -18.37 -14.21
CA LEU A 139 -2.88 -17.21 -14.70
C LEU A 139 -2.81 -16.14 -13.59
N ALA A 140 -2.72 -16.59 -12.32
CA ALA A 140 -2.72 -15.62 -11.19
C ALA A 140 -1.63 -14.56 -11.35
N GLU A 141 -0.40 -14.96 -11.64
CA GLU A 141 0.68 -13.99 -11.74
C GLU A 141 0.43 -12.98 -12.87
N GLU A 142 0.11 -13.48 -14.07
CA GLU A 142 -0.20 -12.60 -15.20
C GLU A 142 -1.33 -11.60 -14.87
N TRP A 143 -2.40 -12.10 -14.25
CA TRP A 143 -3.52 -11.21 -13.94
C TRP A 143 -3.19 -10.27 -12.76
N ASP A 144 -2.36 -10.71 -11.80
CA ASP A 144 -2.06 -9.84 -10.65
C ASP A 144 -1.06 -8.78 -11.00
N ASN A 145 -0.32 -8.98 -12.09
CA ASN A 145 0.73 -8.02 -12.47
C ASN A 145 0.23 -6.89 -13.36
N MET A 146 -1.08 -6.86 -13.63
CA MET A 146 -1.68 -5.77 -14.39
C MET A 146 -2.72 -5.11 -13.51
N THR A 147 -2.97 -3.83 -13.75
CA THR A 147 -4.06 -3.13 -13.08
C THR A 147 -5.41 -3.41 -13.83
N MET A 148 -6.51 -3.12 -13.15
CA MET A 148 -7.78 -3.14 -13.88
C MET A 148 -7.81 -2.18 -15.05
N LYS A 149 -7.07 -1.07 -14.99
CA LYS A 149 -7.04 -0.14 -16.15
C LYS A 149 -6.45 -0.85 -17.37
N GLU A 150 -5.36 -1.58 -17.17
CA GLU A 150 -4.72 -2.31 -18.26
C GLU A 150 -5.64 -3.35 -18.81
N LEU A 151 -6.41 -4.02 -17.93
CA LEU A 151 -7.32 -5.07 -18.42
C LEU A 151 -8.46 -4.46 -19.22
N LEU A 152 -8.98 -3.32 -18.77
CA LEU A 152 -10.04 -2.67 -19.53
C LEU A 152 -9.53 -2.22 -20.89
N ASP A 153 -8.29 -1.72 -20.93
CA ASP A 153 -7.71 -1.25 -22.19
C ASP A 153 -7.63 -2.38 -23.18
N LYS A 154 -7.34 -3.58 -22.68
CA LYS A 154 -7.24 -4.78 -23.53
C LYS A 154 -8.61 -5.28 -23.98
N LEU A 155 -9.59 -5.29 -23.08
CA LEU A 155 -10.87 -5.98 -23.36
C LEU A 155 -11.89 -5.11 -24.07
N CYS A 156 -11.84 -3.81 -23.84
CA CYS A 156 -12.94 -2.95 -24.33
C CYS A 156 -12.57 -2.33 -25.65
N TRP A 157 -13.28 -2.72 -26.72
CA TRP A 157 -13.02 -2.16 -28.04
C TRP A 157 -13.86 -0.91 -28.29
N THR A 158 -14.70 -0.53 -27.34
CA THR A 158 -15.43 0.73 -27.44
C THR A 158 -15.17 1.59 -26.22
N GLU A 159 -15.17 2.91 -26.44
CA GLU A 159 -15.07 3.81 -25.31
C GLU A 159 -16.27 3.68 -24.38
N SER A 160 -17.47 3.41 -24.92
CA SER A 160 -18.69 3.28 -24.13
CA SER A 160 -18.65 3.32 -24.05
C SER A 160 -18.55 2.17 -23.06
N ALA A 161 -18.02 1.04 -23.49
CA ALA A 161 -17.85 -0.09 -22.56
C ALA A 161 -16.78 0.29 -21.53
N LYS A 162 -15.70 0.94 -21.98
CA LYS A 162 -14.58 1.20 -21.07
C LYS A 162 -15.06 2.19 -20.01
N GLN A 163 -15.87 3.16 -20.42
CA GLN A 163 -16.36 4.16 -19.44
C GLN A 163 -17.30 3.53 -18.41
N LEU A 164 -18.18 2.62 -18.86
CA LEU A 164 -19.13 1.97 -17.94
C LEU A 164 -18.36 1.04 -16.99
N ALA A 165 -17.41 0.31 -17.54
CA ALA A 165 -16.58 -0.62 -16.75
C ALA A 165 -15.81 0.14 -15.68
N THR A 166 -15.33 1.33 -16.04
CA THR A 166 -14.62 2.20 -15.09
C THR A 166 -15.50 2.58 -13.92
N LEU A 167 -16.72 3.03 -14.23
CA LEU A 167 -17.67 3.36 -13.20
CA LEU A 167 -17.72 3.35 -13.21
C LEU A 167 -17.97 2.12 -12.32
N PHE A 168 -18.13 0.96 -12.96
CA PHE A 168 -18.35 -0.29 -12.24
C PHE A 168 -17.23 -0.55 -11.19
N VAL A 169 -15.97 -0.40 -11.59
CA VAL A 169 -14.86 -0.68 -10.70
C VAL A 169 -14.89 0.35 -9.58
N ASN A 170 -15.03 1.62 -9.93
CA ASN A 170 -14.98 2.68 -8.90
C ASN A 170 -16.08 2.48 -7.86
N LEU A 171 -17.29 2.10 -8.29
CA LEU A 171 -18.42 1.93 -7.36
C LEU A 171 -18.24 0.67 -6.51
N CYS A 172 -17.74 -0.42 -7.09
CA CYS A 172 -17.61 -1.68 -6.34
C CYS A 172 -16.55 -1.59 -5.25
N VAL A 173 -15.43 -0.90 -5.53
CA VAL A 173 -14.29 -0.99 -4.62
C VAL A 173 -13.65 0.38 -4.24
N THR A 174 -14.37 1.47 -4.54
CA THR A 174 -14.02 2.84 -4.12
C THR A 174 -12.55 3.17 -4.42
N ALA A 175 -12.12 2.72 -5.58
CA ALA A 175 -10.77 2.93 -6.02
C ALA A 175 -10.73 3.07 -7.52
N GLU A 176 -9.61 3.62 -8.01
CA GLU A 176 -9.47 3.83 -9.45
C GLU A 176 -9.04 2.57 -10.15
N THR A 177 -9.36 2.46 -11.44
CA THR A 177 -8.96 1.27 -12.16
C THR A 177 -7.45 1.04 -12.20
N HIS A 178 -6.66 2.14 -12.25
CA HIS A 178 -5.21 2.02 -12.26
C HIS A 178 -4.62 1.74 -10.86
N GLU A 179 -5.44 1.77 -9.78
CA GLU A 179 -4.90 1.54 -8.43
C GLU A 179 -4.89 0.06 -8.08
N VAL A 180 -5.78 -0.71 -8.71
CA VAL A 180 -6.08 -2.06 -8.23
C VAL A 180 -5.60 -3.16 -9.16
N SER A 181 -5.14 -4.25 -8.55
CA SER A 181 -4.83 -5.48 -9.33
C SER A 181 -6.04 -6.04 -10.05
N ALA A 182 -5.83 -6.49 -11.33
CA ALA A 182 -6.89 -7.16 -12.07
C ALA A 182 -7.25 -8.50 -11.40
N LEU A 183 -6.25 -9.28 -10.99
CA LEU A 183 -6.60 -10.53 -10.29
C LEU A 183 -7.47 -10.30 -9.06
N TRP A 184 -7.06 -9.33 -8.24
CA TRP A 184 -7.82 -9.09 -7.03
C TRP A 184 -9.23 -8.63 -7.37
N PHE A 185 -9.37 -7.74 -8.33
CA PHE A 185 -10.73 -7.22 -8.63
C PHE A 185 -11.63 -8.35 -9.22
N LEU A 186 -11.03 -9.14 -10.09
CA LEU A 186 -11.80 -10.29 -10.61
C LEU A 186 -12.22 -11.27 -9.53
N TRP A 187 -11.32 -11.55 -8.58
CA TRP A 187 -11.68 -12.33 -7.40
C TRP A 187 -12.81 -11.65 -6.65
N TYR A 188 -12.67 -10.35 -6.39
CA TYR A 188 -13.65 -9.66 -5.55
C TYR A 188 -15.06 -9.80 -6.14
N VAL A 189 -15.21 -9.59 -7.44
CA VAL A 189 -16.52 -9.71 -8.09
C VAL A 189 -17.02 -11.18 -8.05
N LYS A 190 -16.13 -12.14 -8.34
CA LYS A 190 -16.60 -13.55 -8.38
C LYS A 190 -17.07 -14.00 -6.98
N GLN A 191 -16.36 -13.56 -5.93
CA GLN A 191 -16.70 -14.02 -4.58
C GLN A 191 -17.95 -13.32 -4.01
N CYS A 192 -18.50 -12.36 -4.77
CA CYS A 192 -19.84 -11.85 -4.53
C CYS A 192 -20.90 -12.44 -5.42
N GLY A 193 -20.55 -13.46 -6.18
CA GLY A 193 -21.55 -14.09 -7.07
C GLY A 193 -21.57 -13.63 -8.50
N GLY A 194 -20.63 -12.74 -8.87
CA GLY A 194 -20.53 -12.30 -10.26
C GLY A 194 -21.07 -10.91 -10.52
N THR A 195 -20.93 -10.49 -11.78
CA THR A 195 -21.22 -9.10 -12.16
C THR A 195 -22.68 -8.75 -11.92
N THR A 196 -23.62 -9.60 -12.33
CA THR A 196 -25.03 -9.24 -12.13
C THR A 196 -25.40 -9.14 -10.65
N ARG A 197 -24.90 -10.08 -9.85
CA ARG A 197 -25.31 -10.13 -8.45
C ARG A 197 -24.74 -8.92 -7.71
N ILE A 198 -23.50 -8.56 -8.02
CA ILE A 198 -22.88 -7.47 -7.24
C ILE A 198 -23.52 -6.10 -7.53
N ILE A 199 -23.97 -5.91 -8.75
CA ILE A 199 -24.43 -4.58 -9.22
C ILE A 199 -25.93 -4.41 -9.04
N SER A 200 -26.65 -5.48 -8.80
CA SER A 200 -28.12 -5.41 -8.82
C SER A 200 -28.72 -4.93 -7.50
N THR A 201 -29.84 -4.24 -7.63
CA THR A 201 -30.68 -3.92 -6.45
C THR A 201 -31.65 -5.10 -6.26
N THR A 202 -32.71 -5.16 -7.08
CA THR A 202 -33.55 -6.39 -7.09
C THR A 202 -32.66 -7.60 -7.44
N ASN A 203 -32.72 -8.63 -6.60
CA ASN A 203 -31.93 -9.84 -6.75
C ASN A 203 -30.44 -9.69 -6.57
N GLY A 204 -30.00 -8.59 -5.97
CA GLY A 204 -28.55 -8.39 -5.83
C GLY A 204 -28.17 -7.83 -4.47
N GLY A 205 -26.91 -7.40 -4.39
CA GLY A 205 -26.37 -6.90 -3.11
C GLY A 205 -27.09 -5.71 -2.52
N GLN A 206 -27.78 -4.92 -3.35
CA GLN A 206 -28.39 -3.68 -2.86
C GLN A 206 -29.88 -3.80 -2.63
N GLU A 207 -30.38 -5.05 -2.51
CA GLU A 207 -31.83 -5.20 -2.47
C GLU A 207 -32.52 -4.58 -1.26
N ARG A 208 -31.89 -4.65 -0.10
CA ARG A 208 -32.56 -4.38 1.16
C ARG A 208 -31.72 -3.56 2.11
N LYS A 209 -32.40 -2.96 3.07
CA LYS A 209 -31.75 -2.34 4.21
C LYS A 209 -32.43 -2.85 5.48
N PHE A 210 -31.78 -2.65 6.61
CA PHE A 210 -32.42 -2.99 7.90
C PHE A 210 -33.30 -1.85 8.38
N VAL A 211 -34.52 -2.21 8.82
CA VAL A 211 -35.36 -1.22 9.46
C VAL A 211 -34.68 -0.73 10.72
N GLY A 212 -34.42 0.57 10.80
CA GLY A 212 -33.78 1.18 11.98
C GLY A 212 -32.26 1.26 11.92
N GLY A 213 -31.69 0.70 10.84
CA GLY A 213 -30.24 0.89 10.58
C GLY A 213 -29.41 -0.34 10.92
N SER A 214 -28.31 -0.52 10.20
CA SER A 214 -27.45 -1.67 10.41
C SER A 214 -26.64 -1.61 11.68
N GLY A 215 -26.48 -0.41 12.25
CA GLY A 215 -25.69 -0.32 13.47
C GLY A 215 -26.29 -1.15 14.61
N GLN A 216 -27.59 -1.43 14.50
CA GLN A 216 -28.29 -2.25 15.49
C GLN A 216 -27.70 -3.64 15.61
N VAL A 217 -27.08 -4.17 14.54
CA VAL A 217 -26.48 -5.50 14.64
C VAL A 217 -25.40 -5.51 15.72
N SER A 218 -24.46 -4.58 15.65
CA SER A 218 -23.38 -4.55 16.63
C SER A 218 -23.89 -4.11 18.02
N GLU A 219 -24.86 -3.19 18.05
CA GLU A 219 -25.40 -2.62 19.29
C GLU A 219 -26.15 -3.73 20.04
N ARG A 220 -26.94 -4.53 19.32
CA ARG A 220 -27.75 -5.58 20.00
C ARG A 220 -26.84 -6.69 20.53
N ILE A 221 -25.75 -6.96 19.80
CA ILE A 221 -24.78 -7.93 20.36
C ILE A 221 -24.08 -7.35 21.57
N MET A 222 -23.71 -6.07 21.53
CA MET A 222 -23.19 -5.42 22.76
C MET A 222 -24.16 -5.57 23.95
N ASP A 223 -25.45 -5.46 23.67
CA ASP A 223 -26.47 -5.57 24.73
C ASP A 223 -26.44 -6.97 25.35
N LEU A 224 -26.29 -8.01 24.52
CA LEU A 224 -26.20 -9.39 24.97
C LEU A 224 -24.94 -9.64 25.77
N LEU A 225 -23.85 -8.97 25.42
CA LEU A 225 -22.56 -9.28 26.03
C LEU A 225 -22.31 -8.46 27.31
N GLY A 226 -23.11 -7.40 27.53
CA GLY A 226 -22.95 -6.55 28.72
C GLY A 226 -21.60 -5.89 28.86
N ASP A 227 -21.03 -5.97 30.07
CA ASP A 227 -19.83 -5.22 30.31
C ASP A 227 -18.61 -5.90 29.71
N ARG A 228 -18.82 -6.97 28.93
CA ARG A 228 -17.68 -7.63 28.26
C ARG A 228 -17.11 -6.77 27.11
N VAL A 229 -17.91 -5.83 26.63
CA VAL A 229 -17.43 -4.91 25.59
C VAL A 229 -16.85 -3.66 26.27
N LYS A 230 -15.58 -3.40 26.03
CA LYS A 230 -14.86 -2.27 26.59
C LYS A 230 -14.66 -1.23 25.49
N LEU A 231 -15.39 -0.12 25.60
CA LEU A 231 -15.27 1.00 24.63
C LEU A 231 -14.11 1.93 25.00
N GLU A 232 -13.58 2.65 24.00
CA GLU A 232 -12.43 3.53 24.15
C GLU A 232 -11.22 2.75 24.72
N ARG A 233 -11.03 1.54 24.19
CA ARG A 233 -9.88 0.71 24.51
C ARG A 233 -9.12 0.38 23.20
N PRO A 234 -8.44 1.37 22.59
CA PRO A 234 -7.64 1.02 21.41
C PRO A 234 -6.48 0.11 21.85
N VAL A 235 -6.29 -1.00 21.14
CA VAL A 235 -5.21 -1.92 21.46
C VAL A 235 -3.89 -1.38 20.86
N ILE A 236 -2.84 -1.39 21.68
CA ILE A 236 -1.54 -0.84 21.27
C ILE A 236 -0.43 -1.91 21.22
N TYR A 237 -0.65 -3.07 21.87
CA TYR A 237 0.45 -4.00 22.13
C TYR A 237 -0.08 -5.37 22.40
N ILE A 238 0.52 -6.34 21.72
CA ILE A 238 0.18 -7.76 21.94
C ILE A 238 1.48 -8.52 22.15
N ASP A 239 1.53 -9.26 23.28
CA ASP A 239 2.76 -9.95 23.69
C ASP A 239 2.40 -11.42 23.84
N GLN A 240 3.00 -12.25 22.96
CA GLN A 240 2.79 -13.71 22.98
C GLN A 240 3.99 -14.50 23.48
N THR A 241 4.87 -13.85 24.23
CA THR A 241 6.12 -14.52 24.66
C THR A 241 5.90 -15.43 25.87
N ARG A 242 4.75 -15.31 26.52
CA ARG A 242 4.48 -16.03 27.79
C ARG A 242 3.32 -16.99 27.62
N GLU A 243 3.00 -17.70 28.70
CA GLU A 243 1.97 -18.74 28.65
C GLU A 243 0.61 -18.23 28.18
N ASN A 244 0.19 -17.10 28.71
CA ASN A 244 -1.03 -16.45 28.26
C ASN A 244 -0.65 -15.23 27.44
N VAL A 245 -1.47 -14.92 26.43
CA VAL A 245 -1.26 -13.70 25.63
C VAL A 245 -1.61 -12.45 26.43
N LEU A 246 -0.80 -11.40 26.31
CA LEU A 246 -1.03 -10.14 27.01
C LEU A 246 -1.45 -9.10 25.97
N VAL A 247 -2.57 -8.42 26.24
CA VAL A 247 -3.07 -7.38 25.29
C VAL A 247 -3.21 -6.07 26.05
N GLU A 248 -2.48 -5.06 25.61
CA GLU A 248 -2.49 -3.77 26.28
C GLU A 248 -3.21 -2.73 25.46
N THR A 249 -3.92 -1.85 26.17
CA THR A 249 -4.68 -0.77 25.53
C THR A 249 -4.03 0.60 25.78
N LEU A 250 -4.49 1.60 25.04
CA LEU A 250 -3.91 2.92 25.07
C LEU A 250 -4.20 3.60 26.40
N ASN A 251 -5.35 3.26 27.00
CA ASN A 251 -5.85 3.93 28.22
C ASN A 251 -5.32 3.17 29.40
N HIS A 252 -4.22 2.45 29.19
CA HIS A 252 -3.45 1.88 30.29
C HIS A 252 -4.12 0.69 31.03
N GLU A 253 -4.66 -0.26 30.28
CA GLU A 253 -5.21 -1.50 30.84
C GLU A 253 -4.55 -2.71 30.22
N MET A 254 -4.48 -3.80 30.98
CA MET A 254 -3.90 -5.05 30.47
C MET A 254 -4.91 -6.18 30.52
N TYR A 255 -5.04 -6.89 29.40
CA TYR A 255 -5.91 -8.03 29.33
C TYR A 255 -5.09 -9.27 29.10
N GLU A 256 -5.49 -10.37 29.75
CA GLU A 256 -4.76 -11.61 29.58
C GLU A 256 -5.70 -12.69 29.06
N ALA A 257 -5.27 -13.41 28.02
CA ALA A 257 -6.14 -14.38 27.39
C ALA A 257 -5.42 -15.60 26.87
N LYS A 258 -6.16 -16.64 26.56
CA LYS A 258 -5.61 -17.82 25.93
C LYS A 258 -5.35 -17.58 24.44
N TYR A 259 -6.27 -16.84 23.80
CA TYR A 259 -6.15 -16.57 22.37
C TYR A 259 -6.65 -15.16 22.07
N VAL A 260 -6.30 -14.67 20.89
CA VAL A 260 -6.80 -13.35 20.44
C VAL A 260 -7.41 -13.49 19.05
N ILE A 261 -8.50 -12.75 18.81
CA ILE A 261 -8.99 -12.57 17.44
C ILE A 261 -8.75 -11.12 17.05
N SER A 262 -8.03 -10.92 15.95
CA SER A 262 -7.86 -9.60 15.40
C SER A 262 -9.02 -9.37 14.40
N ALA A 263 -9.95 -8.45 14.73
CA ALA A 263 -11.14 -8.23 13.91
C ALA A 263 -11.14 -6.82 13.31
N ILE A 264 -9.96 -6.36 12.95
CA ILE A 264 -9.77 -4.98 12.43
C ILE A 264 -9.28 -5.09 10.98
N PRO A 265 -9.42 -4.00 10.19
CA PRO A 265 -8.89 -4.04 8.81
C PRO A 265 -7.42 -4.42 8.82
N PRO A 266 -6.95 -5.20 7.81
CA PRO A 266 -5.59 -5.72 7.94
C PRO A 266 -4.53 -4.65 8.18
N THR A 267 -4.59 -3.54 7.45
CA THR A 267 -3.54 -2.54 7.63
C THR A 267 -3.58 -1.93 9.01
N LEU A 268 -4.75 -1.95 9.65
CA LEU A 268 -4.84 -1.31 11.00
C LEU A 268 -4.09 -2.15 12.05
N GLY A 269 -3.68 -3.36 11.67
CA GLY A 269 -2.74 -4.14 12.53
C GLY A 269 -1.42 -3.38 12.75
N MET A 270 -1.09 -2.44 11.86
CA MET A 270 0.09 -1.58 12.02
CA MET A 270 0.11 -1.64 12.07
C MET A 270 0.06 -0.78 13.32
N LYS A 271 -1.15 -0.52 13.83
CA LYS A 271 -1.30 0.34 15.03
C LYS A 271 -0.94 -0.45 16.30
N ILE A 272 -0.65 -1.72 16.16
CA ILE A 272 -0.31 -2.58 17.30
C ILE A 272 1.18 -2.92 17.20
N HIS A 273 1.89 -2.79 18.33
CA HIS A 273 3.30 -3.19 18.41
C HIS A 273 3.30 -4.66 18.87
N PHE A 274 4.02 -5.53 18.17
CA PHE A 274 3.94 -6.97 18.45
C PHE A 274 5.25 -7.47 19.09
N ASN A 275 5.07 -8.35 20.06
CA ASN A 275 6.20 -9.06 20.66
C ASN A 275 5.79 -10.52 20.73
N PRO A 276 6.55 -11.41 20.09
CA PRO A 276 7.70 -11.11 19.23
C PRO A 276 7.19 -10.44 17.97
N PRO A 277 8.10 -9.93 17.15
CA PRO A 277 7.69 -9.25 15.90
C PRO A 277 6.87 -10.22 15.03
N LEU A 278 5.99 -9.67 14.20
CA LEU A 278 5.26 -10.53 13.24
C LEU A 278 6.22 -11.26 12.31
N PRO A 279 5.82 -12.42 11.80
CA PRO A 279 6.63 -13.00 10.75
C PRO A 279 6.75 -12.05 9.55
N MET A 280 7.83 -12.21 8.76
CA MET A 280 8.15 -11.31 7.64
C MET A 280 6.98 -11.06 6.71
N MET A 281 6.30 -12.13 6.29
CA MET A 281 5.27 -11.91 5.29
C MET A 281 4.13 -11.07 5.82
N ARG A 282 3.63 -11.35 7.03
CA ARG A 282 2.58 -10.46 7.59
C ARG A 282 3.11 -9.04 7.89
N ASN A 283 4.35 -8.95 8.37
CA ASN A 283 4.93 -7.63 8.69
C ASN A 283 4.85 -6.72 7.44
N GLN A 284 5.22 -7.27 6.29
CA GLN A 284 5.09 -6.47 5.06
C GLN A 284 3.71 -6.39 4.47
N MET A 285 2.92 -7.46 4.58
CA MET A 285 1.58 -7.46 4.02
CA MET A 285 1.58 -7.43 4.01
C MET A 285 0.78 -6.26 4.54
N ILE A 286 0.87 -5.97 5.84
CA ILE A 286 -0.02 -4.99 6.46
C ILE A 286 0.35 -3.52 6.10
N THR A 287 1.44 -3.35 5.33
CA THR A 287 1.82 -2.04 4.75
C THR A 287 1.44 -1.92 3.27
N ARG A 288 0.78 -2.96 2.72
CA ARG A 288 0.56 -3.10 1.29
C ARG A 288 -0.92 -3.13 0.88
N VAL A 289 -1.80 -2.90 1.84
CA VAL A 289 -3.25 -3.21 1.71
C VAL A 289 -4.10 -2.00 2.20
N PRO A 290 -4.19 -0.94 1.36
CA PRO A 290 -4.98 0.26 1.72
C PRO A 290 -6.45 -0.01 1.62
N LEU A 291 -7.24 0.86 2.25
CA LEU A 291 -8.71 0.87 2.00
C LEU A 291 -9.07 1.96 1.01
N GLY A 292 -10.22 1.78 0.38
CA GLY A 292 -10.69 2.74 -0.59
C GLY A 292 -11.18 4.04 0.00
N SER A 293 -11.69 4.91 -0.86
CA SER A 293 -12.04 6.30 -0.47
C SER A 293 -13.45 6.63 -0.89
N VAL A 294 -14.27 7.06 0.07
CA VAL A 294 -15.68 7.36 -0.28
C VAL A 294 -16.26 8.37 0.71
N ILE A 295 -17.12 9.25 0.20
CA ILE A 295 -17.98 10.07 1.08
C ILE A 295 -19.40 9.58 0.79
N LYS A 296 -20.12 9.17 1.84
CA LYS A 296 -21.51 8.79 1.65
C LYS A 296 -22.38 9.98 2.02
N CYS A 297 -23.26 10.41 1.10
CA CYS A 297 -23.97 11.70 1.22
C CYS A 297 -25.46 11.47 1.07
N ILE A 298 -26.26 12.00 1.99
CA ILE A 298 -27.72 11.76 1.89
C ILE A 298 -28.42 13.12 1.89
N VAL A 299 -29.11 13.41 0.79
CA VAL A 299 -29.85 14.67 0.62
C VAL A 299 -31.34 14.39 0.82
N TYR A 300 -31.97 15.14 1.74
CA TYR A 300 -33.37 14.94 2.11
C TYR A 300 -34.25 15.94 1.42
N TYR A 301 -35.45 15.48 1.09
CA TYR A 301 -36.46 16.33 0.42
C TYR A 301 -37.83 16.20 1.07
N LYS A 302 -38.72 17.14 0.77
CA LYS A 302 -40.11 17.09 1.32
C LYS A 302 -40.84 15.84 0.88
N GLU A 303 -40.60 15.41 -0.36
CA GLU A 303 -41.26 14.26 -0.98
C GLU A 303 -40.32 13.54 -1.91
N PRO A 304 -40.59 12.25 -2.19
CA PRO A 304 -39.75 11.52 -3.16
C PRO A 304 -40.24 11.88 -4.56
N PHE A 305 -39.94 13.11 -4.96
CA PHE A 305 -40.53 13.72 -6.16
C PHE A 305 -40.13 13.00 -7.46
N TRP A 306 -39.00 12.32 -7.44
CA TRP A 306 -38.55 11.59 -8.64
C TRP A 306 -39.52 10.49 -9.02
N ARG A 307 -40.20 9.91 -8.04
CA ARG A 307 -41.13 8.81 -8.32
C ARG A 307 -42.29 9.29 -9.23
N LYS A 308 -42.68 10.55 -9.05
CA LYS A 308 -43.76 11.12 -9.87
C LYS A 308 -43.37 11.25 -11.34
N LYS A 309 -42.07 11.31 -11.59
CA LYS A 309 -41.55 11.30 -12.96
C LYS A 309 -41.20 9.90 -13.45
N ASP A 310 -41.58 8.88 -12.68
CA ASP A 310 -41.32 7.49 -13.03
C ASP A 310 -39.81 7.18 -13.00
N TYR A 311 -39.14 7.79 -12.03
CA TYR A 311 -37.75 7.45 -11.73
C TYR A 311 -37.71 6.87 -10.33
N CYS A 312 -36.98 5.77 -10.16
CA CYS A 312 -36.94 5.17 -8.81
C CYS A 312 -35.94 5.85 -7.88
N GLY A 313 -35.01 6.62 -8.47
CA GLY A 313 -34.01 7.37 -7.66
C GLY A 313 -32.62 6.76 -7.84
N THR A 314 -32.52 5.66 -8.56
CA THR A 314 -31.19 5.09 -8.94
C THR A 314 -30.64 5.83 -10.16
N MET A 315 -29.43 6.39 -10.03
CA MET A 315 -28.79 7.14 -11.11
C MET A 315 -27.39 6.59 -11.22
N ILE A 316 -26.99 6.20 -12.44
CA ILE A 316 -25.60 5.83 -12.74
C ILE A 316 -25.05 6.98 -13.57
N ILE A 317 -24.13 7.74 -12.99
CA ILE A 317 -23.78 9.04 -13.55
C ILE A 317 -22.34 9.08 -13.94
N ASP A 318 -22.09 9.14 -15.25
CA ASP A 318 -20.76 9.18 -15.78
C ASP A 318 -20.28 10.64 -15.88
N GLY A 319 -18.99 10.81 -15.96
CA GLY A 319 -18.44 12.12 -16.25
C GLY A 319 -17.62 12.66 -15.11
N GLU A 320 -16.49 13.25 -15.43
CA GLU A 320 -15.62 13.79 -14.37
C GLU A 320 -16.26 14.90 -13.55
N GLU A 321 -17.12 15.70 -14.16
CA GLU A 321 -17.67 16.85 -13.45
C GLU A 321 -18.67 16.40 -12.40
N ALA A 322 -19.26 15.21 -12.55
CA ALA A 322 -20.27 14.79 -11.57
C ALA A 322 -19.58 14.38 -10.27
N PRO A 323 -19.94 15.01 -9.14
CA PRO A 323 -19.30 14.63 -7.87
C PRO A 323 -19.70 13.22 -7.46
N VAL A 324 -20.93 12.83 -7.78
CA VAL A 324 -21.52 11.54 -7.36
C VAL A 324 -21.75 10.71 -8.59
N ALA A 325 -21.27 9.45 -8.61
CA ALA A 325 -21.43 8.57 -9.76
C ALA A 325 -22.55 7.58 -9.57
N TYR A 326 -23.10 7.44 -8.35
CA TYR A 326 -24.17 6.44 -8.14
C TYR A 326 -25.06 6.88 -7.01
N THR A 327 -26.36 6.76 -7.24
CA THR A 327 -27.33 7.06 -6.20
C THR A 327 -28.37 5.95 -6.08
N LEU A 328 -29.00 5.91 -4.90
CA LEU A 328 -30.20 5.09 -4.62
C LEU A 328 -31.21 5.90 -3.83
N ASP A 329 -32.49 5.58 -4.00
CA ASP A 329 -33.54 6.15 -3.16
C ASP A 329 -33.32 5.69 -1.72
N ASP A 330 -33.27 6.64 -0.77
CA ASP A 330 -33.05 6.31 0.68
C ASP A 330 -34.28 6.67 1.52
N THR A 331 -35.42 6.92 0.86
CA THR A 331 -36.68 7.15 1.56
C THR A 331 -37.05 6.01 2.50
N LYS A 332 -37.64 6.35 3.65
CA LYS A 332 -38.02 5.30 4.61
C LYS A 332 -39.11 4.42 4.01
N PRO A 333 -39.28 3.19 4.54
CA PRO A 333 -40.23 2.26 3.92
C PRO A 333 -41.66 2.79 4.02
N GLU A 334 -41.91 3.61 5.04
CA GLU A 334 -43.20 4.29 5.25
C GLU A 334 -43.49 5.40 4.24
N GLY A 335 -42.48 5.83 3.48
CA GLY A 335 -42.67 6.76 2.39
C GLY A 335 -42.30 8.18 2.80
N ASN A 336 -41.91 8.36 4.07
CA ASN A 336 -41.49 9.67 4.58
C ASN A 336 -39.96 9.75 4.71
N TYR A 337 -39.47 10.91 5.11
CA TYR A 337 -38.02 11.26 5.15
C TYR A 337 -37.43 10.97 3.77
N ALA A 338 -38.11 11.45 2.74
CA ALA A 338 -37.63 11.24 1.35
C ALA A 338 -36.20 11.68 1.24
N ALA A 339 -35.42 10.91 0.49
CA ALA A 339 -33.96 11.13 0.46
C ALA A 339 -33.32 10.38 -0.69
N ILE A 340 -32.25 10.96 -1.20
CA ILE A 340 -31.37 10.35 -2.18
C ILE A 340 -30.02 10.10 -1.51
N MET A 341 -29.55 8.86 -1.54
CA MET A 341 -28.18 8.53 -1.13
C MET A 341 -27.28 8.55 -2.36
N GLY A 342 -26.13 9.19 -2.23
CA GLY A 342 -25.12 9.17 -3.30
C GLY A 342 -23.74 8.89 -2.74
N PHE A 343 -22.88 8.26 -3.56
CA PHE A 343 -21.47 8.05 -3.18
C PHE A 343 -20.55 8.99 -3.97
N ILE A 344 -19.64 9.65 -3.28
CA ILE A 344 -18.55 10.38 -3.95
C ILE A 344 -17.34 9.46 -3.86
N LEU A 345 -16.87 9.01 -5.03
CA LEU A 345 -15.96 7.84 -5.09
C LEU A 345 -14.50 8.13 -5.39
N ALA A 346 -13.62 7.41 -4.71
CA ALA A 346 -12.19 7.33 -5.14
C ALA A 346 -11.55 8.70 -5.26
N HIS A 347 -10.95 9.09 -6.37
CA HIS A 347 -10.28 10.42 -6.35
C HIS A 347 -11.21 11.59 -6.03
N LYS A 348 -12.50 11.47 -6.35
CA LYS A 348 -13.40 12.59 -6.03
C LYS A 348 -13.62 12.77 -4.54
N ALA A 349 -13.49 11.69 -3.77
CA ALA A 349 -13.61 11.81 -2.31
C ALA A 349 -12.44 12.67 -1.84
N ARG A 350 -11.24 12.46 -2.41
CA ARG A 350 -10.08 13.28 -2.07
C ARG A 350 -10.26 14.71 -2.57
N LYS A 351 -10.70 14.86 -3.81
CA LYS A 351 -10.84 16.17 -4.48
C LYS A 351 -11.86 17.04 -3.78
N LEU A 352 -13.03 16.47 -3.48
CA LEU A 352 -14.13 17.27 -2.95
C LEU A 352 -14.14 17.41 -1.41
N ALA A 353 -13.24 16.71 -0.72
CA ALA A 353 -13.17 16.81 0.74
C ALA A 353 -12.76 18.22 1.17
N ARG A 354 -12.11 18.93 0.26
CA ARG A 354 -11.65 20.34 0.41
C ARG A 354 -12.80 21.33 0.66
N LEU A 355 -13.95 21.04 0.05
CA LEU A 355 -15.16 21.88 0.15
C LEU A 355 -15.80 21.86 1.55
N THR A 356 -16.66 22.83 1.85
CA THR A 356 -17.49 22.71 3.04
C THR A 356 -18.67 21.75 2.79
N LYS A 357 -19.31 21.33 3.87
CA LYS A 357 -20.52 20.51 3.80
C LYS A 357 -21.58 21.21 2.92
N GLU A 358 -21.76 22.50 3.14
CA GLU A 358 -22.74 23.28 2.40
C GLU A 358 -22.38 23.34 0.91
N GLU A 359 -21.10 23.48 0.59
CA GLU A 359 -20.66 23.45 -0.81
C GLU A 359 -20.89 22.09 -1.49
N ARG A 360 -20.63 21.01 -0.77
CA ARG A 360 -20.93 19.68 -1.34
C ARG A 360 -22.43 19.52 -1.52
N LEU A 361 -23.23 19.92 -0.53
CA LEU A 361 -24.70 19.81 -0.74
C LEU A 361 -25.15 20.54 -2.01
N LYS A 362 -24.62 21.73 -2.25
CA LYS A 362 -25.00 22.52 -3.43
C LYS A 362 -24.64 21.78 -4.73
N LYS A 363 -23.42 21.25 -4.80
CA LYS A 363 -23.00 20.55 -6.04
C LYS A 363 -23.86 19.33 -6.25
N LEU A 364 -24.19 18.61 -5.17
CA LEU A 364 -25.01 17.38 -5.33
C LEU A 364 -26.41 17.75 -5.84
N CYS A 365 -27.02 18.78 -5.23
CA CYS A 365 -28.38 19.19 -5.71
C CYS A 365 -28.39 19.65 -7.15
N GLU A 366 -27.36 20.38 -7.57
CA GLU A 366 -27.28 20.86 -8.94
C GLU A 366 -27.14 19.66 -9.90
N LEU A 367 -26.34 18.67 -9.49
CA LEU A 367 -26.20 17.47 -10.30
C LEU A 367 -27.52 16.72 -10.40
N TYR A 368 -28.18 16.50 -9.26
CA TYR A 368 -29.41 15.73 -9.27
C TYR A 368 -30.49 16.48 -10.06
N ALA A 369 -30.52 17.80 -9.96
CA ALA A 369 -31.53 18.56 -10.71
C ALA A 369 -31.32 18.30 -12.21
N LYS A 370 -30.07 18.27 -12.65
CA LYS A 370 -29.81 18.02 -14.08
C LYS A 370 -30.16 16.58 -14.47
N VAL A 371 -29.71 15.62 -13.66
CA VAL A 371 -29.92 14.22 -14.06
C VAL A 371 -31.40 13.86 -14.07
N LEU A 372 -32.14 14.37 -13.09
CA LEU A 372 -33.57 14.06 -12.92
C LEU A 372 -34.46 15.03 -13.71
N GLY A 373 -33.84 16.03 -14.32
CA GLY A 373 -34.55 17.09 -15.05
C GLY A 373 -35.59 17.77 -14.17
N SER A 374 -35.20 18.02 -12.93
CA SER A 374 -36.15 18.45 -11.90
C SER A 374 -35.62 19.59 -11.05
N LEU A 375 -36.24 20.77 -11.20
CA LEU A 375 -35.93 21.89 -10.31
C LEU A 375 -36.16 21.59 -8.80
N GLU A 376 -37.06 20.65 -8.49
CA GLU A 376 -37.34 20.31 -7.11
C GLU A 376 -36.06 19.81 -6.42
N ALA A 377 -35.09 19.27 -7.20
CA ALA A 377 -33.86 18.76 -6.55
C ALA A 377 -33.02 19.86 -5.94
N LEU A 378 -33.30 21.12 -6.31
CA LEU A 378 -32.59 22.27 -5.74
C LEU A 378 -33.19 22.73 -4.41
N GLU A 379 -34.15 21.98 -3.88
CA GLU A 379 -34.86 22.33 -2.66
C GLU A 379 -34.72 21.33 -1.51
N PRO A 380 -33.49 21.02 -1.10
CA PRO A 380 -33.30 20.02 -0.02
C PRO A 380 -33.81 20.58 1.29
N VAL A 381 -34.22 19.67 2.19
CA VAL A 381 -34.67 20.09 3.53
C VAL A 381 -33.67 19.73 4.62
N HIS A 382 -32.70 18.87 4.28
CA HIS A 382 -31.72 18.41 5.26
C HIS A 382 -30.61 17.66 4.50
N TYR A 383 -29.44 17.51 5.16
CA TYR A 383 -28.29 16.84 4.52
C TYR A 383 -27.48 16.16 5.61
N GLU A 384 -27.04 14.92 5.35
CA GLU A 384 -26.07 14.23 6.22
C GLU A 384 -24.99 13.64 5.34
N GLU A 385 -23.77 13.56 5.88
CA GLU A 385 -22.70 12.94 5.10
C GLU A 385 -21.65 12.37 6.03
N LYS A 386 -20.84 11.46 5.49
CA LYS A 386 -19.65 10.97 6.22
C LYS A 386 -18.53 10.66 5.24
N ASN A 387 -17.38 11.27 5.46
CA ASN A 387 -16.18 10.97 4.67
C ASN A 387 -15.36 9.94 5.47
N TRP A 388 -15.39 8.69 4.98
CA TRP A 388 -14.73 7.59 5.70
C TRP A 388 -13.20 7.64 5.58
N CYS A 389 -12.67 8.47 4.69
CA CYS A 389 -11.21 8.63 4.56
C CYS A 389 -10.60 9.26 5.81
N GLU A 390 -11.43 9.93 6.63
CA GLU A 390 -10.87 10.63 7.79
C GLU A 390 -10.74 9.78 9.04
N GLU A 391 -11.24 8.55 8.97
CA GLU A 391 -11.34 7.70 10.18
C GLU A 391 -10.05 6.95 10.52
N GLN A 392 -9.43 7.33 11.63
CA GLN A 392 -8.21 6.68 12.14
C GLN A 392 -8.43 5.17 12.32
N TYR A 393 -9.62 4.78 12.80
CA TYR A 393 -9.87 3.38 13.16
C TYR A 393 -10.65 2.60 12.11
N SER A 394 -10.74 3.18 10.90
CA SER A 394 -11.21 2.41 9.72
C SER A 394 -10.18 2.40 8.62
N GLY A 395 -9.66 3.59 8.29
CA GLY A 395 -8.64 3.75 7.21
C GLY A 395 -9.26 4.08 5.85
N GLY A 396 -10.59 3.96 5.75
CA GLY A 396 -11.32 4.17 4.49
C GLY A 396 -12.57 3.32 4.48
N CYS A 397 -13.23 3.27 3.32
CA CYS A 397 -14.37 2.38 3.09
C CYS A 397 -14.46 2.15 1.57
N TYR A 398 -15.16 1.12 1.10
CA TYR A 398 -15.81 0.14 1.98
C TYR A 398 -14.84 -0.82 2.62
N THR A 399 -13.80 -1.14 1.84
CA THR A 399 -12.92 -2.27 2.21
C THR A 399 -11.51 -2.08 1.64
N THR A 400 -10.67 -3.05 1.96
CA THR A 400 -9.29 -3.11 1.54
C THR A 400 -9.19 -3.52 0.08
N TYR A 401 -8.38 -2.78 -0.68
CA TYR A 401 -8.04 -3.20 -2.04
C TYR A 401 -6.58 -3.63 -2.12
N PHE A 402 -6.29 -4.42 -3.15
CA PHE A 402 -4.92 -4.94 -3.35
C PHE A 402 -4.35 -4.33 -4.64
N PRO A 403 -3.26 -3.58 -4.53
CA PRO A 403 -2.59 -3.05 -5.72
C PRO A 403 -1.89 -4.15 -6.48
N PRO A 404 -1.42 -3.85 -7.70
CA PRO A 404 -0.82 -4.91 -8.51
C PRO A 404 0.32 -5.63 -7.78
N GLY A 405 0.33 -6.96 -7.90
CA GLY A 405 1.47 -7.77 -7.41
C GLY A 405 1.33 -8.25 -5.98
N ILE A 406 0.36 -7.72 -5.22
CA ILE A 406 0.31 -7.99 -3.79
C ILE A 406 -0.44 -9.26 -3.40
N LEU A 407 -1.55 -9.52 -4.07
CA LEU A 407 -2.41 -10.64 -3.67
C LEU A 407 -1.65 -11.97 -3.92
N THR A 408 -0.87 -12.07 -5.02
CA THR A 408 -0.13 -13.32 -5.24
C THR A 408 1.03 -13.47 -4.27
N GLN A 409 1.65 -12.37 -3.86
CA GLN A 409 2.86 -12.48 -3.06
C GLN A 409 2.56 -12.60 -1.56
N TYR A 410 1.45 -12.01 -1.13
CA TYR A 410 1.16 -11.85 0.31
C TYR A 410 -0.21 -12.37 0.67
N GLY A 411 -1.07 -12.66 -0.31
CA GLY A 411 -2.46 -13.10 -0.03
C GLY A 411 -2.57 -14.34 0.86
N ARG A 412 -1.63 -15.27 0.72
CA ARG A 412 -1.67 -16.50 1.53
C ARG A 412 -1.68 -16.18 3.01
N VAL A 413 -1.13 -15.05 3.43
CA VAL A 413 -1.03 -14.89 4.90
C VAL A 413 -2.16 -14.10 5.50
N LEU A 414 -3.11 -13.63 4.71
CA LEU A 414 -4.12 -12.76 5.26
C LEU A 414 -4.88 -13.35 6.48
N ARG A 415 -5.26 -14.62 6.41
CA ARG A 415 -5.95 -15.21 7.56
C ARG A 415 -5.14 -16.35 8.22
N GLN A 416 -3.86 -16.39 7.92
CA GLN A 416 -2.96 -17.38 8.61
C GLN A 416 -2.75 -17.00 10.09
N PRO A 417 -3.05 -17.92 11.04
CA PRO A 417 -2.83 -17.53 12.45
C PRO A 417 -1.38 -17.22 12.71
N VAL A 418 -1.15 -16.31 13.66
CA VAL A 418 0.18 -16.00 14.14
C VAL A 418 0.21 -16.43 15.60
N ASP A 419 0.73 -17.64 15.83
CA ASP A 419 0.74 -18.27 17.18
C ASP A 419 -0.69 -18.39 17.73
N ARG A 420 -1.07 -17.55 18.66
CA ARG A 420 -2.40 -17.63 19.23
C ARG A 420 -3.31 -16.49 18.77
N ILE A 421 -2.87 -15.72 17.76
CA ILE A 421 -3.71 -14.69 17.14
C ILE A 421 -4.35 -15.24 15.88
N TYR A 422 -5.68 -15.17 15.81
CA TYR A 422 -6.49 -15.59 14.66
C TYR A 422 -7.10 -14.33 14.04
N PHE A 423 -7.35 -14.39 12.75
CA PHE A 423 -7.79 -13.21 12.01
C PHE A 423 -9.19 -13.24 11.51
N ALA A 424 -10.00 -12.29 11.97
CA ALA A 424 -11.37 -12.12 11.47
C ALA A 424 -11.37 -10.87 10.58
N GLY A 425 -12.53 -10.23 10.48
CA GLY A 425 -12.68 -9.01 9.66
C GLY A 425 -13.11 -9.40 8.26
N THR A 426 -13.93 -8.54 7.66
CA THR A 426 -14.52 -8.90 6.38
C THR A 426 -13.51 -9.21 5.30
N GLU A 427 -12.35 -8.57 5.37
CA GLU A 427 -11.28 -8.82 4.38
C GLU A 427 -10.83 -10.25 4.29
N THR A 428 -11.04 -11.03 5.37
CA THR A 428 -10.63 -12.45 5.38
C THR A 428 -11.73 -13.40 4.98
N ALA A 429 -12.89 -12.90 4.58
CA ALA A 429 -14.00 -13.76 4.13
C ALA A 429 -13.77 -14.31 2.74
N THR A 430 -14.47 -15.42 2.42
CA THR A 430 -14.38 -16.01 1.09
C THR A 430 -15.67 -15.85 0.26
N HIS A 431 -16.70 -15.27 0.86
CA HIS A 431 -17.97 -14.98 0.19
C HIS A 431 -18.44 -13.63 0.71
N TRP A 432 -18.64 -12.66 -0.23
CA TRP A 432 -18.97 -11.30 0.15
C TRP A 432 -17.96 -10.66 1.15
N SER A 433 -16.70 -11.00 0.94
CA SER A 433 -15.64 -10.18 1.53
C SER A 433 -15.83 -8.73 1.13
N GLY A 434 -15.62 -7.81 2.10
CA GLY A 434 -15.83 -6.38 1.87
C GLY A 434 -17.19 -5.89 2.39
N TYR A 435 -18.10 -6.84 2.72
CA TYR A 435 -19.47 -6.56 3.14
C TYR A 435 -19.74 -6.97 4.58
N MET A 436 -20.89 -6.55 5.10
CA MET A 436 -21.37 -7.03 6.40
C MET A 436 -21.47 -8.56 6.43
N GLU A 437 -21.93 -9.19 5.34
CA GLU A 437 -21.96 -10.64 5.21
C GLU A 437 -20.59 -11.28 5.46
N GLY A 438 -19.54 -10.78 4.77
CA GLY A 438 -18.19 -11.30 4.94
C GLY A 438 -17.70 -11.09 6.37
N ALA A 439 -18.08 -9.99 6.99
CA ALA A 439 -17.69 -9.79 8.38
C ALA A 439 -18.25 -10.92 9.28
N VAL A 440 -19.50 -11.31 9.06
CA VAL A 440 -20.07 -12.42 9.85
C VAL A 440 -19.35 -13.73 9.56
N GLU A 441 -19.08 -14.02 8.28
CA GLU A 441 -18.44 -15.27 7.88
C GLU A 441 -17.11 -15.36 8.58
N ALA A 442 -16.32 -14.28 8.51
CA ALA A 442 -14.97 -14.29 9.06
C ALA A 442 -14.89 -14.35 10.59
N GLY A 443 -15.81 -13.65 11.26
CA GLY A 443 -15.82 -13.60 12.74
C GLY A 443 -16.17 -14.96 13.31
N GLU A 444 -17.17 -15.60 12.73
CA GLU A 444 -17.59 -16.91 13.15
C GLU A 444 -16.55 -17.97 12.82
N ARG A 445 -15.91 -17.87 11.64
CA ARG A 445 -14.84 -18.84 11.25
C ARG A 445 -13.65 -18.69 12.18
N ALA A 446 -13.24 -17.45 12.48
CA ALA A 446 -12.12 -17.27 13.41
C ALA A 446 -12.46 -17.81 14.80
N ALA A 447 -13.67 -17.54 15.29
CA ALA A 447 -14.09 -18.11 16.59
C ALA A 447 -14.01 -19.62 16.56
N ARG A 448 -14.45 -20.25 15.48
CA ARG A 448 -14.42 -21.72 15.39
C ARG A 448 -13.00 -22.26 15.24
N GLU A 449 -12.10 -21.49 14.61
CA GLU A 449 -10.68 -21.89 14.67
C GLU A 449 -10.14 -22.01 16.10
N ILE A 450 -10.53 -21.07 16.95
CA ILE A 450 -10.15 -21.11 18.36
C ILE A 450 -10.85 -22.28 19.09
N LEU A 451 -12.13 -22.49 18.84
CA LEU A 451 -12.83 -23.66 19.42
C LEU A 451 -12.13 -24.97 19.03
N HIS A 452 -11.66 -25.05 17.79
CA HIS A 452 -10.92 -26.23 17.36
C HIS A 452 -9.57 -26.35 18.06
N ALA A 453 -8.85 -25.22 18.20
CA ALA A 453 -7.58 -25.20 18.95
C ALA A 453 -7.74 -25.68 20.38
N MET A 454 -8.90 -25.39 20.96
CA MET A 454 -9.19 -25.76 22.35
C MET A 454 -9.67 -27.19 22.47
N GLY A 455 -9.82 -27.86 21.33
CA GLY A 455 -10.31 -29.25 21.32
C GLY A 455 -11.81 -29.39 21.53
N LYS A 456 -12.57 -28.32 21.28
CA LYS A 456 -14.01 -28.32 21.51
C LYS A 456 -14.86 -28.76 20.32
N ILE A 457 -14.32 -28.60 19.12
CA ILE A 457 -14.98 -29.01 17.89
C ILE A 457 -13.96 -29.64 16.95
N PRO A 458 -14.41 -30.53 16.05
CA PRO A 458 -13.46 -31.12 15.13
C PRO A 458 -13.12 -30.16 13.99
N GLU A 459 -12.05 -30.47 13.27
CA GLU A 459 -11.56 -29.60 12.19
C GLU A 459 -12.63 -29.27 11.13
N ASP A 460 -13.43 -30.27 10.74
CA ASP A 460 -14.44 -30.10 9.70
C ASP A 460 -15.57 -29.15 10.09
N GLU A 461 -15.60 -28.67 11.33
CA GLU A 461 -16.60 -27.70 11.79
C GLU A 461 -16.09 -26.26 11.78
N ILE A 462 -14.85 -26.07 11.36
CA ILE A 462 -14.28 -24.70 11.36
C ILE A 462 -15.02 -23.85 10.30
N TRP A 463 -15.16 -24.41 9.09
CA TRP A 463 -15.87 -23.75 7.98
C TRP A 463 -17.26 -24.37 7.95
N GLN A 464 -18.30 -23.55 8.01
CA GLN A 464 -19.66 -24.03 8.14
C GLN A 464 -20.54 -23.36 7.09
N SER A 465 -21.29 -24.17 6.35
CA SER A 465 -22.21 -23.63 5.33
C SER A 465 -23.39 -22.95 6.03
N GLU A 466 -24.14 -22.10 5.31
CA GLU A 466 -25.25 -21.35 5.91
C GLU A 466 -26.54 -21.66 5.14
N PRO A 467 -27.62 -22.06 5.86
CA PRO A 467 -28.88 -22.32 5.15
C PRO A 467 -29.37 -21.04 4.49
N GLU A 468 -29.97 -21.18 3.31
CA GLU A 468 -30.54 -20.04 2.63
C GLU A 468 -31.66 -19.40 3.44
N SER A 469 -31.64 -18.07 3.50
CA SER A 469 -32.72 -17.30 4.11
C SER A 469 -34.07 -17.66 3.49
N VAL A 470 -35.08 -17.88 4.34
CA VAL A 470 -36.44 -18.09 3.84
C VAL A 470 -37.12 -16.77 3.51
N ASP A 471 -36.63 -15.67 4.08
CA ASP A 471 -37.21 -14.35 3.87
C ASP A 471 -36.67 -13.65 2.64
N VAL A 472 -35.43 -13.97 2.26
CA VAL A 472 -34.76 -13.30 1.14
C VAL A 472 -34.18 -14.36 0.23
N PRO A 473 -35.05 -15.07 -0.48
CA PRO A 473 -34.44 -16.16 -1.27
C PRO A 473 -33.78 -15.59 -2.55
N ALA A 474 -32.83 -16.33 -3.07
CA ALA A 474 -32.04 -15.85 -4.19
C ALA A 474 -32.53 -16.47 -5.50
N GLN A 475 -32.87 -15.63 -6.47
CA GLN A 475 -33.10 -16.12 -7.82
C GLN A 475 -31.76 -16.36 -8.47
N PRO A 476 -31.68 -17.39 -9.31
CA PRO A 476 -30.44 -17.68 -10.00
C PRO A 476 -30.08 -16.58 -10.99
N ILE A 477 -28.79 -16.45 -11.26
CA ILE A 477 -28.35 -15.55 -12.32
C ILE A 477 -28.30 -16.37 -13.60
N THR A 478 -29.03 -15.93 -14.60
CA THR A 478 -29.15 -16.70 -15.85
C THR A 478 -28.68 -15.84 -16.99
N THR A 479 -28.34 -16.49 -18.09
CA THR A 479 -27.96 -15.81 -19.33
C THR A 479 -28.80 -16.38 -20.49
N THR A 480 -28.86 -15.66 -21.61
CA THR A 480 -29.52 -16.17 -22.82
C THR A 480 -28.51 -16.83 -23.72
N PHE A 481 -28.99 -17.65 -24.66
CA PHE A 481 -28.13 -18.27 -25.65
C PHE A 481 -27.27 -17.22 -26.40
N LEU A 482 -27.88 -16.11 -26.78
CA LEU A 482 -27.16 -15.09 -27.54
C LEU A 482 -26.12 -14.37 -26.66
N GLU A 483 -26.44 -14.14 -25.39
CA GLU A 483 -25.47 -13.56 -24.44
C GLU A 483 -24.26 -14.47 -24.33
N ARG A 484 -24.50 -15.77 -24.27
CA ARG A 484 -23.40 -16.73 -24.17
C ARG A 484 -22.54 -16.86 -25.42
N HIS A 485 -23.16 -16.74 -26.60
CA HIS A 485 -22.46 -17.17 -27.82
C HIS A 485 -22.11 -16.06 -28.82
N LEU A 486 -22.70 -14.88 -28.67
CA LEU A 486 -22.34 -13.77 -29.57
C LEU A 486 -20.85 -13.48 -29.47
N PRO A 487 -20.23 -13.15 -30.61
CA PRO A 487 -18.79 -12.92 -30.54
C PRO A 487 -18.45 -11.57 -29.90
N SER A 488 -17.21 -11.49 -29.45
CA SER A 488 -16.63 -10.21 -29.05
C SER A 488 -16.34 -9.42 -30.32
N VAL A 489 -15.89 -8.18 -30.17
CA VAL A 489 -15.54 -7.39 -31.35
C VAL A 489 -14.35 -8.03 -32.07
N PRO A 490 -13.26 -8.39 -31.36
CA PRO A 490 -12.19 -9.04 -32.15
C PRO A 490 -12.62 -10.40 -32.71
N GLY A 491 -13.55 -11.06 -32.03
CA GLY A 491 -14.10 -12.34 -32.53
C GLY A 491 -14.83 -12.11 -33.85
N LEU A 492 -15.63 -11.04 -33.90
CA LEU A 492 -16.33 -10.64 -35.13
C LEU A 492 -15.35 -10.27 -36.23
N LEU A 493 -14.27 -9.58 -35.86
CA LEU A 493 -13.28 -9.16 -36.86
C LEU A 493 -12.58 -10.38 -37.45
N ARG A 494 -12.29 -11.37 -36.60
CA ARG A 494 -11.75 -12.65 -37.05
C ARG A 494 -12.71 -13.39 -38.02
N LEU A 495 -14.01 -13.43 -37.68
CA LEU A 495 -15.04 -13.95 -38.59
C LEU A 495 -15.04 -13.24 -39.96
N ILE A 496 -14.99 -11.90 -39.94
CA ILE A 496 -14.91 -11.06 -41.16
C ILE A 496 -13.65 -11.35 -41.98
N GLY A 497 -12.49 -11.40 -41.32
CA GLY A 497 -11.23 -11.76 -41.97
C GLY A 497 -11.37 -13.08 -42.71
N LEU A 498 -11.93 -14.09 -42.03
CA LEU A 498 -12.09 -15.44 -42.61
C LEU A 498 -13.02 -15.55 -43.81
N THR A 499 -14.15 -14.84 -43.79
CA THR A 499 -15.04 -14.80 -44.95
C THR A 499 -14.35 -14.16 -46.16
N THR A 500 -13.49 -13.17 -45.89
CA THR A 500 -12.64 -12.54 -46.91
C THR A 500 -11.52 -13.48 -47.41
N ILE A 501 -11.11 -14.43 -46.57
CA ILE A 501 -10.05 -15.39 -46.91
C ILE A 501 -10.60 -16.80 -47.18
N ASN B 3 10.70 13.69 30.70
CA ASN B 3 9.58 14.70 30.63
C ASN B 3 9.84 15.86 29.64
N LYS B 4 10.39 17.00 30.07
CA LYS B 4 10.24 18.22 29.27
C LYS B 4 11.45 18.64 28.46
N CYS B 5 11.20 19.02 27.21
CA CYS B 5 12.27 19.41 26.31
C CYS B 5 11.74 20.32 25.22
N ASP B 6 12.61 20.82 24.36
CA ASP B 6 12.18 21.71 23.27
C ASP B 6 11.57 20.90 22.08
N VAL B 7 12.30 19.87 21.65
CA VAL B 7 11.86 19.07 20.48
C VAL B 7 12.09 17.61 20.78
N VAL B 8 11.07 16.80 20.52
CA VAL B 8 11.20 15.34 20.55
C VAL B 8 11.40 14.90 19.10
N VAL B 9 12.41 14.08 18.89
CA VAL B 9 12.62 13.48 17.56
C VAL B 9 12.26 12.03 17.68
N VAL B 10 11.31 11.59 16.83
CA VAL B 10 10.90 10.21 16.83
C VAL B 10 11.72 9.46 15.77
N GLY B 11 12.58 8.56 16.23
CA GLY B 11 13.43 7.80 15.33
C GLY B 11 14.90 8.25 15.41
N GLY B 12 15.78 7.30 15.68
CA GLY B 12 17.24 7.56 15.72
C GLY B 12 18.00 6.90 14.60
N GLY B 13 17.43 6.98 13.40
CA GLY B 13 18.21 6.71 12.17
C GLY B 13 19.02 7.94 11.82
N ILE B 14 19.66 7.92 10.66
CA ILE B 14 20.49 9.07 10.25
C ILE B 14 19.66 10.34 10.19
N SER B 15 18.42 10.24 9.71
CA SER B 15 17.66 11.49 9.57
C SER B 15 17.29 12.10 10.94
N GLY B 16 16.79 11.29 11.85
CA GLY B 16 16.48 11.75 13.22
C GLY B 16 17.74 12.26 13.94
N MET B 17 18.84 11.54 13.78
CA MET B 17 20.11 11.97 14.39
C MET B 17 20.61 13.28 13.79
N ALA B 18 20.55 13.44 12.49
CA ALA B 18 21.00 14.69 11.86
C ALA B 18 20.12 15.86 12.29
N ALA B 19 18.81 15.64 12.39
CA ALA B 19 17.86 16.68 12.91
C ALA B 19 18.22 17.02 14.35
N ALA B 20 18.42 16.00 15.18
CA ALA B 20 18.66 16.25 16.63
C ALA B 20 20.00 16.95 16.82
N LYS B 21 21.02 16.58 16.05
CA LYS B 21 22.33 17.26 16.16
C LYS B 21 22.21 18.74 15.78
N LEU B 22 21.47 19.04 14.71
CA LEU B 22 21.37 20.42 14.27
C LEU B 22 20.66 21.25 15.36
N LEU B 23 19.58 20.71 15.91
CA LEU B 23 18.81 21.43 16.95
C LEU B 23 19.68 21.59 18.22
N HIS B 24 20.35 20.51 18.63
CA HIS B 24 21.26 20.55 19.80
C HIS B 24 22.35 21.61 19.60
N ASP B 25 22.97 21.64 18.42
CA ASP B 25 24.04 22.58 18.13
C ASP B 25 23.55 24.05 18.15
N SER B 26 22.25 24.24 17.91
CA SER B 26 21.68 25.58 17.96
CA SER B 26 21.68 25.58 17.96
C SER B 26 21.26 25.95 19.39
N GLY B 27 21.48 25.05 20.35
CA GLY B 27 21.17 25.32 21.76
C GLY B 27 19.80 24.89 22.27
N LEU B 28 19.04 24.13 21.47
CA LEU B 28 17.81 23.57 21.97
C LEU B 28 18.04 22.25 22.69
N ASN B 29 17.12 21.96 23.62
CA ASN B 29 17.10 20.72 24.37
C ASN B 29 16.29 19.70 23.55
N VAL B 30 17.00 18.68 23.04
CA VAL B 30 16.35 17.65 22.21
C VAL B 30 16.35 16.30 22.92
N VAL B 31 15.36 15.46 22.58
CA VAL B 31 15.36 14.12 23.05
C VAL B 31 15.06 13.29 21.80
N VAL B 32 15.80 12.19 21.64
CA VAL B 32 15.54 11.24 20.54
C VAL B 32 14.91 10.00 21.12
N LEU B 33 13.70 9.66 20.65
CA LEU B 33 13.04 8.44 21.10
C LEU B 33 13.17 7.38 20.00
N GLU B 34 13.89 6.32 20.33
CA GLU B 34 14.21 5.24 19.35
C GLU B 34 13.60 3.93 19.79
N ALA B 35 12.85 3.28 18.89
CA ALA B 35 12.13 2.07 19.23
C ALA B 35 13.06 0.90 19.55
N ARG B 36 14.14 0.76 18.76
CA ARG B 36 15.07 -0.35 18.92
C ARG B 36 16.03 -0.21 20.07
N ASP B 37 16.71 -1.31 20.37
CA ASP B 37 17.83 -1.26 21.30
C ASP B 37 19.16 -0.75 20.68
N ARG B 38 19.07 -0.13 19.49
CA ARG B 38 20.22 0.42 18.82
C ARG B 38 19.78 1.61 18.01
N VAL B 39 20.76 2.42 17.63
CA VAL B 39 20.51 3.50 16.68
C VAL B 39 20.91 3.05 15.29
N GLY B 40 20.55 3.88 14.29
CA GLY B 40 21.01 3.64 12.91
C GLY B 40 19.89 3.21 11.93
N GLY B 41 18.88 2.53 12.44
CA GLY B 41 17.68 2.22 11.60
C GLY B 41 18.01 1.29 10.44
N ARG B 42 17.81 1.81 9.21
CA ARG B 42 18.16 1.06 7.98
C ARG B 42 19.65 1.00 7.70
N THR B 43 20.48 1.65 8.51
CA THR B 43 21.92 1.31 8.57
C THR B 43 22.17 0.48 9.82
N TYR B 44 23.08 -0.47 9.68
CA TYR B 44 23.43 -1.41 10.76
C TYR B 44 24.81 -1.97 10.41
N THR B 45 25.79 -1.70 11.28
CA THR B 45 27.13 -2.23 11.07
C THR B 45 27.38 -3.27 12.16
N LEU B 46 27.55 -4.52 11.74
CA LEU B 46 27.91 -5.62 12.67
C LEU B 46 29.40 -5.73 12.79
N ARG B 47 29.92 -5.93 14.01
CA ARG B 47 31.35 -6.14 14.21
C ARG B 47 31.57 -7.51 14.80
N ASN B 48 32.50 -8.26 14.22
CA ASN B 48 33.01 -9.49 14.88
C ASN B 48 34.36 -9.82 14.31
N GLN B 49 35.07 -10.80 14.91
CA GLN B 49 36.43 -11.02 14.50
C GLN B 49 36.53 -11.54 13.04
N LYS B 50 35.50 -12.25 12.60
CA LYS B 50 35.56 -12.87 11.23
C LYS B 50 35.48 -11.82 10.12
N VAL B 51 34.71 -10.75 10.36
CA VAL B 51 34.45 -9.76 9.33
C VAL B 51 35.10 -8.40 9.61
N LYS B 52 35.57 -8.26 10.84
CA LYS B 52 36.00 -6.97 11.43
C LYS B 52 34.75 -6.08 11.61
N TYR B 53 34.24 -5.56 10.50
CA TYR B 53 32.96 -4.87 10.51
C TYR B 53 32.28 -5.12 9.15
N VAL B 54 30.96 -5.05 9.12
CA VAL B 54 30.24 -5.22 7.83
C VAL B 54 28.95 -4.42 7.87
N ASP B 55 28.69 -3.66 6.79
CA ASP B 55 27.39 -2.96 6.68
C ASP B 55 26.33 -3.96 6.18
N LEU B 56 25.33 -4.23 7.02
CA LEU B 56 24.22 -5.15 6.67
C LEU B 56 23.02 -4.33 6.14
N GLY B 57 23.06 -3.02 6.37
CA GLY B 57 22.06 -2.07 5.80
C GLY B 57 22.75 -1.13 4.83
N GLY B 58 22.27 0.13 4.76
CA GLY B 58 22.85 1.08 3.83
C GLY B 58 24.35 1.23 3.99
N SER B 59 25.08 1.35 2.87
CA SER B 59 26.56 1.35 2.94
CA SER B 59 26.54 1.39 2.96
C SER B 59 27.23 2.37 2.03
N TYR B 60 26.70 2.53 0.81
CA TYR B 60 27.46 3.23 -0.24
C TYR B 60 27.15 4.71 -0.22
N VAL B 61 28.20 5.47 -0.49
CA VAL B 61 28.08 6.93 -0.72
C VAL B 61 28.90 7.28 -1.95
N GLY B 62 28.59 8.41 -2.58
CA GLY B 62 29.34 8.75 -3.78
C GLY B 62 29.19 10.23 -4.13
N PRO B 63 29.84 10.63 -5.21
CA PRO B 63 29.82 12.05 -5.62
C PRO B 63 28.41 12.58 -5.76
N THR B 64 28.28 13.84 -5.37
CA THR B 64 27.00 14.61 -5.33
C THR B 64 26.19 14.37 -4.04
N GLN B 65 26.66 13.45 -3.18
CA GLN B 65 26.01 13.22 -1.91
C GLN B 65 26.75 14.01 -0.85
N ASN B 66 26.64 15.32 -0.94
CA ASN B 66 27.56 16.16 -0.13
C ASN B 66 27.22 16.33 1.31
N ARG B 67 25.95 16.17 1.66
CA ARG B 67 25.53 16.32 3.05
C ARG B 67 26.01 15.16 3.92
N ILE B 68 25.76 13.92 3.44
CA ILE B 68 26.21 12.78 4.23
C ILE B 68 27.74 12.77 4.31
N LEU B 69 28.42 13.13 3.23
CA LEU B 69 29.90 13.20 3.25
C LEU B 69 30.39 14.25 4.28
N ARG B 70 29.74 15.41 4.32
CA ARG B 70 30.14 16.48 5.27
C ARG B 70 29.84 16.09 6.72
N LEU B 71 28.66 15.53 6.98
CA LEU B 71 28.28 15.08 8.30
C LEU B 71 29.26 14.00 8.79
N ALA B 72 29.52 12.97 7.96
CA ALA B 72 30.44 11.92 8.38
C ALA B 72 31.82 12.48 8.62
N LYS B 73 32.28 13.39 7.75
CA LYS B 73 33.64 13.95 7.94
C LYS B 73 33.74 14.67 9.29
N GLU B 74 32.70 15.42 9.63
CA GLU B 74 32.68 16.16 10.89
C GLU B 74 32.77 15.22 12.09
N LEU B 75 32.13 14.05 11.97
CA LEU B 75 32.13 13.04 13.01
C LEU B 75 33.41 12.17 13.00
N GLY B 76 34.34 12.43 12.09
CA GLY B 76 35.67 11.77 12.13
C GLY B 76 35.78 10.54 11.25
N LEU B 77 34.86 10.39 10.33
CA LEU B 77 34.85 9.20 9.44
C LEU B 77 35.60 9.47 8.15
N GLU B 78 36.06 8.40 7.51
CA GLU B 78 36.79 8.45 6.23
C GLU B 78 36.09 7.50 5.29
N THR B 79 36.26 7.72 3.99
CA THR B 79 35.72 6.73 3.01
C THR B 79 36.85 6.00 2.32
N TYR B 80 36.51 4.88 1.66
CA TYR B 80 37.41 4.26 0.72
C TYR B 80 36.59 3.86 -0.50
N LYS B 81 37.30 3.60 -1.59
CA LYS B 81 36.62 3.29 -2.87
C LYS B 81 36.30 1.82 -3.02
N VAL B 82 35.06 1.56 -3.40
CA VAL B 82 34.61 0.24 -3.77
C VAL B 82 35.47 -0.24 -4.94
N ASN B 83 35.94 -1.50 -4.89
CA ASN B 83 36.85 -1.93 -5.96
C ASN B 83 36.17 -1.97 -7.34
N GLU B 84 36.70 -1.20 -8.31
CA GLU B 84 36.23 -1.26 -9.70
C GLU B 84 37.41 -1.18 -10.68
N VAL B 85 38.53 -1.73 -10.25
CA VAL B 85 39.76 -1.65 -11.07
C VAL B 85 39.66 -2.57 -12.27
N GLU B 86 39.19 -3.80 -12.04
CA GLU B 86 39.14 -4.83 -13.10
C GLU B 86 37.78 -4.82 -13.81
N ARG B 87 37.49 -5.88 -14.60
CA ARG B 87 36.29 -5.85 -15.44
C ARG B 87 35.03 -6.21 -14.66
N LEU B 88 33.92 -5.61 -15.07
CA LEU B 88 32.62 -5.96 -14.56
C LEU B 88 32.13 -7.15 -15.38
N ILE B 89 31.13 -7.87 -14.87
CA ILE B 89 30.54 -8.97 -15.61
C ILE B 89 29.03 -8.79 -15.81
N HIS B 90 28.55 -9.05 -17.05
CA HIS B 90 27.13 -9.22 -17.27
C HIS B 90 26.92 -10.69 -17.60
N HIS B 91 26.11 -11.36 -16.78
CA HIS B 91 25.82 -12.78 -16.99
C HIS B 91 24.43 -12.89 -17.57
N VAL B 92 24.33 -13.43 -18.77
CA VAL B 92 23.04 -13.46 -19.47
C VAL B 92 22.95 -14.77 -20.22
N LYS B 93 21.78 -15.38 -20.12
CA LYS B 93 21.50 -16.68 -20.74
C LYS B 93 22.65 -17.63 -20.49
N GLY B 94 23.06 -17.68 -19.22
CA GLY B 94 24.02 -18.68 -18.75
C GLY B 94 25.48 -18.47 -19.10
N LYS B 95 25.86 -17.28 -19.54
CA LYS B 95 27.25 -17.01 -19.91
C LYS B 95 27.70 -15.64 -19.38
N SER B 96 28.97 -15.55 -18.97
CA SER B 96 29.55 -14.29 -18.50
C SER B 96 30.21 -13.51 -19.63
N TYR B 97 29.86 -12.23 -19.69
CA TYR B 97 30.44 -11.32 -20.62
C TYR B 97 31.14 -10.16 -19.89
N PRO B 98 32.46 -10.16 -19.88
CA PRO B 98 33.12 -9.09 -19.13
C PRO B 98 33.07 -7.76 -19.86
N PHE B 99 33.00 -6.64 -19.14
CA PHE B 99 32.96 -5.33 -19.78
C PHE B 99 33.52 -4.28 -18.87
N ARG B 100 33.75 -3.10 -19.46
CA ARG B 100 34.15 -1.92 -18.70
C ARG B 100 33.21 -0.78 -19.02
N GLY B 101 33.22 0.24 -18.15
CA GLY B 101 32.26 1.35 -18.30
C GLY B 101 30.97 0.98 -17.61
N PRO B 102 29.94 1.84 -17.69
CA PRO B 102 28.84 1.63 -16.74
C PRO B 102 27.69 0.74 -17.23
N PHE B 103 27.51 0.62 -18.55
CA PHE B 103 26.46 -0.24 -19.12
CA PHE B 103 26.45 -0.20 -19.15
C PHE B 103 27.07 -1.37 -19.92
N PRO B 104 26.49 -2.59 -19.82
CA PRO B 104 27.11 -3.66 -20.62
C PRO B 104 26.98 -3.40 -22.11
N PRO B 105 27.98 -3.78 -22.91
CA PRO B 105 27.92 -3.57 -24.37
C PRO B 105 26.78 -4.41 -24.98
N VAL B 106 26.20 -3.88 -26.04
CA VAL B 106 25.18 -4.56 -26.82
C VAL B 106 25.75 -4.59 -28.22
N TRP B 107 25.73 -5.75 -28.89
CA TRP B 107 26.33 -5.80 -30.23
C TRP B 107 25.35 -5.79 -31.43
N ASN B 108 24.25 -6.50 -31.31
CA ASN B 108 23.24 -6.52 -32.37
C ASN B 108 22.74 -5.08 -32.56
N PRO B 109 22.63 -4.63 -33.82
CA PRO B 109 22.30 -3.23 -34.09
C PRO B 109 20.87 -2.84 -33.63
N ILE B 110 19.91 -3.75 -33.71
CA ILE B 110 18.52 -3.42 -33.30
C ILE B 110 18.46 -3.30 -31.78
N THR B 111 19.04 -4.30 -31.12
CA THR B 111 19.14 -4.30 -29.65
C THR B 111 19.92 -3.08 -29.20
N TYR B 112 21.01 -2.74 -29.89
CA TYR B 112 21.73 -1.53 -29.55
C TYR B 112 20.87 -0.26 -29.54
N LEU B 113 20.09 -0.04 -30.60
CA LEU B 113 19.23 1.13 -30.68
C LEU B 113 18.18 1.10 -29.54
N ASP B 114 17.65 -0.09 -29.31
CA ASP B 114 16.59 -0.26 -28.26
C ASP B 114 17.15 0.06 -26.89
N HIS B 115 18.31 -0.50 -26.55
CA HIS B 115 18.93 -0.20 -25.23
C HIS B 115 19.30 1.25 -25.12
N ASN B 116 19.94 1.80 -26.15
CA ASN B 116 20.32 3.19 -26.10
C ASN B 116 19.11 4.10 -25.86
N ASN B 117 18.01 3.82 -26.57
CA ASN B 117 16.81 4.61 -26.46
C ASN B 117 16.16 4.48 -25.06
N PHE B 118 16.30 3.30 -24.45
CA PHE B 118 15.62 3.08 -23.15
C PHE B 118 16.21 4.03 -22.13
N TRP B 119 17.54 3.97 -21.97
CA TRP B 119 18.18 4.82 -20.98
C TRP B 119 17.99 6.28 -21.25
N ARG B 120 18.17 6.66 -22.52
CA ARG B 120 17.99 8.04 -22.95
C ARG B 120 16.59 8.54 -22.64
N THR B 121 15.59 7.70 -22.87
CA THR B 121 14.20 8.09 -22.65
C THR B 121 13.89 8.25 -21.16
N MET B 122 14.49 7.40 -20.33
CA MET B 122 14.30 7.55 -18.85
C MET B 122 14.80 8.94 -18.42
N ASP B 123 15.95 9.35 -18.94
CA ASP B 123 16.50 10.63 -18.53
C ASP B 123 15.70 11.80 -19.21
N ASP B 124 15.27 11.62 -20.45
CA ASP B 124 14.44 12.67 -21.11
C ASP B 124 13.16 12.92 -20.30
N MET B 125 12.51 11.84 -19.88
CA MET B 125 11.27 11.98 -19.12
C MET B 125 11.55 12.64 -17.80
N GLY B 126 12.66 12.24 -17.14
CA GLY B 126 13.03 12.87 -15.87
C GLY B 126 13.19 14.39 -15.92
N ARG B 127 13.64 14.90 -17.07
CA ARG B 127 13.85 16.37 -17.19
C ARG B 127 12.56 17.17 -17.01
N GLU B 128 11.42 16.51 -17.18
CA GLU B 128 10.13 17.20 -17.02
C GLU B 128 9.52 17.03 -15.64
N ILE B 129 10.27 16.39 -14.72
CA ILE B 129 9.70 16.08 -13.40
C ILE B 129 10.43 16.89 -12.31
N PRO B 130 9.74 17.85 -11.69
CA PRO B 130 10.43 18.65 -10.66
C PRO B 130 10.84 17.78 -9.46
N SER B 131 12.10 17.88 -9.06
CA SER B 131 12.56 17.10 -7.90
C SER B 131 11.76 17.34 -6.64
N ASP B 132 11.35 18.60 -6.43
CA ASP B 132 10.62 18.96 -5.23
C ASP B 132 9.10 18.86 -5.34
N ALA B 133 8.62 18.38 -6.49
CA ALA B 133 7.17 18.30 -6.73
C ALA B 133 6.88 17.46 -7.95
N PRO B 134 7.11 16.17 -7.88
CA PRO B 134 6.95 15.34 -9.08
C PRO B 134 5.52 15.34 -9.63
N TRP B 135 4.53 15.56 -8.75
CA TRP B 135 3.12 15.67 -9.12
C TRP B 135 2.87 16.90 -9.98
N LYS B 136 3.86 17.77 -10.15
CA LYS B 136 3.73 18.93 -11.07
C LYS B 136 4.31 18.65 -12.44
N ALA B 137 4.75 17.42 -12.69
CA ALA B 137 5.21 17.10 -14.05
C ALA B 137 4.04 17.31 -15.03
N PRO B 138 4.34 17.79 -16.24
CA PRO B 138 3.26 18.10 -17.22
C PRO B 138 2.39 16.87 -17.47
N LEU B 139 2.99 15.68 -17.50
CA LEU B 139 2.20 14.44 -17.71
C LEU B 139 2.09 13.62 -16.39
N ALA B 140 2.01 14.30 -15.25
CA ALA B 140 2.05 13.58 -13.97
C ALA B 140 0.99 12.47 -13.89
N GLU B 141 -0.26 12.80 -14.24
CA GLU B 141 -1.35 11.83 -14.09
C GLU B 141 -1.15 10.66 -15.04
N GLU B 142 -0.85 10.96 -16.31
CA GLU B 142 -0.63 9.88 -17.26
C GLU B 142 0.49 8.91 -16.82
N TRP B 143 1.59 9.48 -16.35
CA TRP B 143 2.71 8.66 -15.93
C TRP B 143 2.45 7.99 -14.59
N ASP B 144 1.72 8.64 -13.68
CA ASP B 144 1.42 8.00 -12.38
C ASP B 144 0.43 6.85 -12.46
N ASN B 145 -0.39 6.85 -13.52
CA ASN B 145 -1.45 5.83 -13.65
C ASN B 145 -0.99 4.59 -14.38
N MET B 146 0.28 4.51 -14.72
CA MET B 146 0.83 3.29 -15.31
C MET B 146 1.93 2.77 -14.40
N THR B 147 2.14 1.47 -14.44
CA THR B 147 3.28 0.91 -13.71
C THR B 147 4.55 1.00 -14.57
N MET B 148 5.70 0.73 -13.96
CA MET B 148 6.93 0.68 -14.74
C MET B 148 6.90 -0.48 -15.70
N LYS B 149 6.16 -1.54 -15.36
CA LYS B 149 6.05 -2.67 -16.30
C LYS B 149 5.34 -2.22 -17.57
N GLU B 150 4.27 -1.44 -17.44
CA GLU B 150 3.55 -0.98 -18.62
CA GLU B 150 3.54 -0.91 -18.60
C GLU B 150 4.44 -0.05 -19.45
N LEU B 151 5.20 0.80 -18.78
CA LEU B 151 6.12 1.71 -19.52
C LEU B 151 7.19 0.92 -20.26
N LEU B 152 7.80 -0.06 -19.60
CA LEU B 152 8.80 -0.89 -20.28
C LEU B 152 8.21 -1.67 -21.45
N ASP B 153 6.97 -2.12 -21.30
CA ASP B 153 6.31 -2.86 -22.40
C ASP B 153 6.11 -1.98 -23.60
N LYS B 154 5.85 -0.70 -23.38
CA LYS B 154 5.69 0.30 -24.45
C LYS B 154 7.03 0.67 -25.10
N LEU B 155 8.06 0.91 -24.28
CA LEU B 155 9.29 1.52 -24.77
C LEU B 155 10.24 0.48 -25.35
N CYS B 156 10.27 -0.72 -24.81
CA CYS B 156 11.30 -1.70 -25.19
C CYS B 156 10.80 -2.57 -26.32
N TRP B 157 11.42 -2.46 -27.48
CA TRP B 157 11.05 -3.34 -28.61
C TRP B 157 11.79 -4.67 -28.63
N THR B 158 12.79 -4.82 -27.76
CA THR B 158 13.52 -6.06 -27.65
C THR B 158 13.40 -6.62 -26.24
N GLU B 159 13.39 -7.94 -26.13
CA GLU B 159 13.43 -8.62 -24.81
C GLU B 159 14.70 -8.33 -24.03
N SER B 160 15.83 -8.16 -24.74
CA SER B 160 17.13 -7.87 -24.12
C SER B 160 17.05 -6.59 -23.31
N ALA B 161 16.52 -5.55 -23.94
CA ALA B 161 16.37 -4.25 -23.24
C ALA B 161 15.39 -4.37 -22.08
N LYS B 162 14.26 -5.03 -22.30
CA LYS B 162 13.24 -5.18 -21.26
C LYS B 162 13.81 -5.92 -20.06
N GLN B 163 14.59 -6.97 -20.29
CA GLN B 163 15.17 -7.72 -19.20
C GLN B 163 16.16 -6.85 -18.40
N LEU B 164 17.03 -6.12 -19.10
CA LEU B 164 18.00 -5.29 -18.35
C LEU B 164 17.28 -4.13 -17.63
N ALA B 165 16.29 -3.53 -18.28
CA ALA B 165 15.53 -2.48 -17.61
C ALA B 165 14.83 -3.01 -16.36
N THR B 166 14.33 -4.23 -16.45
CA THR B 166 13.67 -4.85 -15.29
C THR B 166 14.68 -5.00 -14.13
N LEU B 167 15.87 -5.51 -14.45
CA LEU B 167 16.92 -5.67 -13.44
C LEU B 167 17.21 -4.29 -12.81
N PHE B 168 17.31 -3.28 -13.66
CA PHE B 168 17.60 -1.92 -13.20
C PHE B 168 16.54 -1.47 -12.19
N VAL B 169 15.25 -1.62 -12.52
CA VAL B 169 14.19 -1.22 -11.57
C VAL B 169 14.28 -2.03 -10.26
N ASN B 170 14.42 -3.35 -10.38
CA ASN B 170 14.48 -4.20 -9.18
C ASN B 170 15.64 -3.81 -8.27
N LEU B 171 16.78 -3.47 -8.83
CA LEU B 171 17.98 -3.16 -8.02
C LEU B 171 17.88 -1.75 -7.43
N CYS B 172 17.29 -0.81 -8.17
CA CYS B 172 17.23 0.56 -7.65
C CYS B 172 16.25 0.70 -6.50
N VAL B 173 15.12 -0.01 -6.58
CA VAL B 173 13.98 0.26 -5.64
C VAL B 173 13.41 -1.01 -5.01
N THR B 174 14.16 -2.13 -5.13
CA THR B 174 13.82 -3.42 -4.47
C THR B 174 12.33 -3.77 -4.59
N ALA B 175 11.83 -3.55 -5.81
CA ALA B 175 10.43 -3.79 -6.09
C ALA B 175 10.29 -4.23 -7.56
N GLU B 176 9.17 -4.91 -7.84
CA GLU B 176 8.91 -5.37 -9.21
C GLU B 176 8.41 -4.21 -10.07
N THR B 177 8.66 -4.32 -11.37
CA THR B 177 8.23 -3.26 -12.27
C THR B 177 6.71 -3.05 -12.23
N HIS B 178 5.95 -4.13 -11.99
CA HIS B 178 4.50 -3.97 -11.96
C HIS B 178 3.98 -3.49 -10.62
N GLU B 179 4.86 -3.37 -9.61
CA GLU B 179 4.42 -2.85 -8.31
C GLU B 179 4.43 -1.35 -8.24
N VAL B 180 5.25 -0.69 -9.07
CA VAL B 180 5.58 0.74 -8.85
C VAL B 180 5.02 1.66 -9.93
N SER B 181 4.65 2.88 -9.53
CA SER B 181 4.28 3.94 -10.50
C SER B 181 5.44 4.34 -11.41
N ALA B 182 5.15 4.50 -12.70
CA ALA B 182 6.17 5.02 -13.60
C ALA B 182 6.57 6.44 -13.22
N LEU B 183 5.61 7.33 -12.93
CA LEU B 183 6.02 8.69 -12.50
C LEU B 183 6.98 8.64 -11.30
N TRP B 184 6.60 7.88 -10.27
CA TRP B 184 7.45 7.82 -9.08
C TRP B 184 8.84 7.27 -9.40
N PHE B 185 8.92 6.21 -10.24
CA PHE B 185 10.24 5.64 -10.51
C PHE B 185 11.09 6.62 -11.32
N LEU B 186 10.47 7.28 -12.30
CA LEU B 186 11.18 8.27 -13.09
C LEU B 186 11.69 9.43 -12.23
N TRP B 187 10.84 9.85 -11.30
CA TRP B 187 11.26 10.90 -10.36
C TRP B 187 12.46 10.35 -9.55
N TYR B 188 12.34 9.12 -9.08
CA TYR B 188 13.37 8.56 -8.19
C TYR B 188 14.72 8.59 -8.86
N VAL B 189 14.78 8.18 -10.12
CA VAL B 189 16.05 8.20 -10.86
C VAL B 189 16.54 9.65 -11.07
N LYS B 190 15.64 10.53 -11.54
CA LYS B 190 16.09 11.89 -11.81
C LYS B 190 16.65 12.62 -10.55
N GLN B 191 16.05 12.33 -9.38
CA GLN B 191 16.44 13.05 -8.18
C GLN B 191 17.72 12.46 -7.58
N CYS B 192 18.23 11.37 -8.16
CA CYS B 192 19.60 10.88 -7.90
C CYS B 192 20.60 11.33 -8.97
N GLY B 193 20.17 12.19 -9.87
CA GLY B 193 21.07 12.68 -10.93
C GLY B 193 21.01 11.98 -12.26
N GLY B 194 20.07 11.05 -12.41
CA GLY B 194 19.86 10.35 -13.67
C GLY B 194 20.40 8.94 -13.75
N THR B 195 20.26 8.30 -14.91
CA THR B 195 20.52 6.86 -14.98
C THR B 195 22.02 6.55 -14.76
N THR B 196 22.92 7.31 -15.40
CA THR B 196 24.37 7.02 -15.21
C THR B 196 24.77 7.22 -13.76
N ARG B 197 24.31 8.29 -13.13
CA ARG B 197 24.76 8.60 -11.77
C ARG B 197 24.26 7.56 -10.77
N ILE B 198 23.01 7.10 -10.93
CA ILE B 198 22.44 6.19 -9.94
C ILE B 198 23.06 4.79 -10.06
N ILE B 199 23.43 4.39 -11.27
CA ILE B 199 23.89 2.98 -11.48
C ILE B 199 25.40 2.80 -11.36
N SER B 200 26.12 3.91 -11.34
CA SER B 200 27.59 3.83 -11.45
C SER B 200 28.24 3.60 -10.09
N THR B 201 29.37 2.89 -10.14
CA THR B 201 30.27 2.76 -8.97
C THR B 201 31.22 3.95 -9.10
N THR B 202 32.21 3.87 -10.00
CA THR B 202 33.08 5.06 -10.22
C THR B 202 32.22 6.23 -10.72
N ASN B 203 32.32 7.38 -10.00
CA ASN B 203 31.55 8.58 -10.31
C ASN B 203 30.05 8.43 -10.13
N GLY B 204 29.61 7.47 -9.31
CA GLY B 204 28.16 7.36 -9.02
C GLY B 204 27.87 7.01 -7.58
N GLY B 205 26.64 6.55 -7.37
CA GLY B 205 26.12 6.28 -6.00
C GLY B 205 26.92 5.25 -5.24
N GLN B 206 27.52 4.29 -5.96
CA GLN B 206 28.20 3.20 -5.24
C GLN B 206 29.69 3.39 -5.20
N GLU B 207 30.18 4.62 -5.27
CA GLU B 207 31.65 4.78 -5.40
C GLU B 207 32.42 4.37 -4.13
N ARG B 208 31.84 4.69 -2.96
CA ARG B 208 32.60 4.59 -1.74
C ARG B 208 31.80 3.93 -0.62
N LYS B 209 32.53 3.46 0.41
CA LYS B 209 31.94 3.03 1.67
C LYS B 209 32.67 3.76 2.80
N PHE B 210 32.09 3.77 3.98
CA PHE B 210 32.79 4.36 5.16
C PHE B 210 33.70 3.32 5.79
N VAL B 211 34.95 3.74 6.04
CA VAL B 211 35.86 2.92 6.84
C VAL B 211 35.23 2.68 8.22
N GLY B 212 35.05 1.43 8.63
CA GLY B 212 34.45 1.07 9.93
C GLY B 212 32.93 0.96 9.93
N GLY B 213 32.28 1.36 8.81
CA GLY B 213 30.84 1.11 8.67
C GLY B 213 29.99 2.37 8.76
N SER B 214 28.86 2.39 8.06
CA SER B 214 28.01 3.57 8.08
C SER B 214 27.24 3.71 9.39
N GLY B 215 27.13 2.65 10.19
CA GLY B 215 26.42 2.73 11.48
C GLY B 215 27.09 3.76 12.37
N GLN B 216 28.37 4.03 12.10
CA GLN B 216 29.11 5.02 12.90
C GLN B 216 28.55 6.41 12.80
N VAL B 217 27.83 6.72 11.71
CA VAL B 217 27.22 8.05 11.66
C VAL B 217 26.18 8.21 12.80
N SER B 218 25.23 7.29 12.93
CA SER B 218 24.21 7.40 13.97
C SER B 218 24.81 7.19 15.36
N GLU B 219 25.76 6.27 15.45
CA GLU B 219 26.40 5.95 16.74
C GLU B 219 27.14 7.16 17.26
N ARG B 220 27.90 7.83 16.40
CA ARG B 220 28.72 8.99 16.86
C ARG B 220 27.83 10.17 17.21
N ILE B 221 26.67 10.34 16.54
CA ILE B 221 25.78 11.41 16.99
C ILE B 221 25.14 11.03 18.34
N MET B 222 24.81 9.74 18.52
CA MET B 222 24.33 9.30 19.82
C MET B 222 25.41 9.55 20.88
N ASP B 223 26.69 9.38 20.50
CA ASP B 223 27.81 9.65 21.46
C ASP B 223 27.78 11.12 21.88
N LEU B 224 27.57 12.02 20.92
CA LEU B 224 27.51 13.44 21.25
C LEU B 224 26.33 13.73 22.16
N LEU B 225 25.17 13.15 21.84
CA LEU B 225 23.95 13.52 22.57
C LEU B 225 23.80 12.88 23.95
N GLY B 226 24.56 11.79 24.21
CA GLY B 226 24.52 11.05 25.52
C GLY B 226 23.14 10.58 25.90
N ASP B 227 22.68 10.95 27.09
CA ASP B 227 21.42 10.38 27.55
C ASP B 227 20.19 11.05 26.98
N ARG B 228 20.38 11.98 26.06
CA ARG B 228 19.27 12.55 25.26
C ARG B 228 18.65 11.53 24.33
N VAL B 229 19.41 10.49 23.99
CA VAL B 229 18.91 9.38 23.16
C VAL B 229 18.36 8.30 24.08
N LYS B 230 17.08 7.95 23.85
CA LYS B 230 16.38 6.96 24.67
C LYS B 230 16.12 5.73 23.79
N LEU B 231 16.81 4.64 24.07
CA LEU B 231 16.65 3.42 23.29
C LEU B 231 15.54 2.59 23.89
N GLU B 232 14.91 1.74 23.07
CA GLU B 232 13.76 0.93 23.52
C GLU B 232 12.59 1.79 24.02
N ARG B 233 12.36 2.89 23.29
CA ARG B 233 11.26 3.78 23.50
C ARG B 233 10.44 3.92 22.20
N PRO B 234 9.70 2.84 21.82
CA PRO B 234 8.82 3.02 20.66
C PRO B 234 7.73 4.01 21.04
N VAL B 235 7.52 5.01 20.19
CA VAL B 235 6.42 5.96 20.36
C VAL B 235 5.12 5.31 19.93
N ILE B 236 4.10 5.46 20.78
CA ILE B 236 2.75 4.86 20.60
C ILE B 236 1.64 5.91 20.44
N TYR B 237 1.88 7.14 20.89
CA TYR B 237 0.80 8.13 21.03
C TYR B 237 1.38 9.53 21.01
N ILE B 238 0.75 10.37 20.20
CA ILE B 238 1.11 11.79 20.16
C ILE B 238 -0.16 12.61 20.30
N ASP B 239 -0.16 13.53 21.28
CA ASP B 239 -1.33 14.33 21.61
C ASP B 239 -0.96 15.79 21.44
N GLN B 240 -1.68 16.44 20.53
CA GLN B 240 -1.43 17.84 20.25
C GLN B 240 -2.62 18.72 20.66
N THR B 241 -3.46 18.23 21.55
CA THR B 241 -4.64 19.02 21.95
C THR B 241 -4.31 20.07 23.00
N ARG B 242 -3.15 19.95 23.66
CA ARG B 242 -2.80 20.85 24.80
C ARG B 242 -1.72 21.87 24.40
N GLU B 243 -1.26 22.69 25.35
CA GLU B 243 -0.25 23.74 25.10
C GLU B 243 1.06 23.20 24.51
N ASN B 244 1.60 22.18 25.16
CA ASN B 244 2.77 21.49 24.65
C ASN B 244 2.34 20.16 24.08
N VAL B 245 3.10 19.65 23.11
CA VAL B 245 2.88 18.32 22.52
C VAL B 245 3.29 17.24 23.49
N LEU B 246 2.47 16.20 23.62
CA LEU B 246 2.74 15.12 24.54
C LEU B 246 3.05 13.89 23.70
N VAL B 247 4.17 13.24 23.99
CA VAL B 247 4.58 12.02 23.26
C VAL B 247 4.77 10.88 24.23
N GLU B 248 4.01 9.81 24.03
CA GLU B 248 4.03 8.66 24.92
C GLU B 248 4.72 7.44 24.27
N THR B 249 5.53 6.73 25.05
CA THR B 249 6.22 5.50 24.59
C THR B 249 5.60 4.20 25.13
N LEU B 250 5.93 3.06 24.50
CA LEU B 250 5.38 1.78 24.84
C LEU B 250 5.75 1.36 26.26
N ASN B 251 6.94 1.78 26.70
CA ASN B 251 7.44 1.48 28.05
C ASN B 251 6.96 2.49 29.06
N HIS B 252 5.85 3.16 28.74
CA HIS B 252 5.07 3.96 29.71
C HIS B 252 5.81 5.19 30.23
N GLU B 253 6.44 5.94 29.33
CA GLU B 253 7.06 7.22 29.63
C GLU B 253 6.36 8.29 28.82
N MET B 254 6.35 9.52 29.36
CA MET B 254 5.69 10.64 28.68
CA MET B 254 5.68 10.65 28.73
C MET B 254 6.69 11.76 28.50
N TYR B 255 6.73 12.30 27.29
CA TYR B 255 7.66 13.38 26.96
C TYR B 255 6.83 14.57 26.53
N GLU B 256 7.24 15.77 26.93
CA GLU B 256 6.54 17.00 26.60
C GLU B 256 7.49 17.90 25.85
N ALA B 257 7.05 18.42 24.69
CA ALA B 257 7.90 19.27 23.87
C ALA B 257 7.12 20.36 23.17
N LYS B 258 7.83 21.34 22.65
CA LYS B 258 7.20 22.38 21.88
C LYS B 258 6.84 21.90 20.48
N TYR B 259 7.69 21.04 19.91
CA TYR B 259 7.54 20.54 18.54
C TYR B 259 8.04 19.10 18.48
N VAL B 260 7.63 18.36 17.42
CA VAL B 260 8.08 16.97 17.23
C VAL B 260 8.58 16.86 15.78
N ILE B 261 9.65 16.10 15.60
CA ILE B 261 10.04 15.67 14.27
C ILE B 261 9.77 14.18 14.17
N SER B 262 8.98 13.81 13.14
CA SER B 262 8.78 12.40 12.82
C SER B 262 9.85 11.98 11.81
N ALA B 263 10.81 11.16 12.24
CA ALA B 263 11.91 10.78 11.38
C ALA B 263 11.87 9.27 11.09
N ILE B 264 10.67 8.74 10.90
CA ILE B 264 10.46 7.31 10.63
C ILE B 264 9.91 7.15 9.23
N PRO B 265 10.02 5.95 8.63
CA PRO B 265 9.41 5.74 7.30
C PRO B 265 7.94 6.12 7.35
N PRO B 266 7.42 6.73 6.27
CA PRO B 266 6.06 7.23 6.30
C PRO B 266 5.02 6.25 6.82
N THR B 267 5.04 5.02 6.32
CA THR B 267 4.00 4.10 6.73
C THR B 267 4.08 3.72 8.23
N LEU B 268 5.27 3.82 8.81
CA LEU B 268 5.43 3.48 10.22
C LEU B 268 4.80 4.53 11.14
N GLY B 269 4.35 5.66 10.57
CA GLY B 269 3.43 6.55 11.33
C GLY B 269 2.17 5.82 11.75
N MET B 270 1.79 4.72 11.06
CA MET B 270 0.63 3.93 11.46
CA MET B 270 0.62 3.97 11.49
C MET B 270 0.72 3.37 12.89
N LYS B 271 1.94 3.21 13.38
CA LYS B 271 2.14 2.59 14.69
C LYS B 271 1.91 3.55 15.85
N ILE B 272 1.58 4.79 15.50
CA ILE B 272 1.34 5.85 16.48
C ILE B 272 -0.16 6.22 16.43
N HIS B 273 -0.80 6.31 17.60
CA HIS B 273 -2.23 6.71 17.69
C HIS B 273 -2.21 8.22 17.89
N PHE B 274 -2.99 8.95 17.10
CA PHE B 274 -2.92 10.42 17.08
C PHE B 274 -4.13 11.05 17.72
N ASN B 275 -3.88 12.09 18.52
CA ASN B 275 -4.97 12.92 19.07
C ASN B 275 -4.59 14.40 18.88
N PRO B 276 -5.40 15.18 18.13
CA PRO B 276 -6.55 14.71 17.36
C PRO B 276 -6.11 13.79 16.22
N PRO B 277 -7.07 13.11 15.59
CA PRO B 277 -6.70 12.27 14.44
C PRO B 277 -5.97 13.07 13.38
N LEU B 278 -5.15 12.37 12.60
CA LEU B 278 -4.50 13.03 11.47
C LEU B 278 -5.52 13.57 10.49
N PRO B 279 -5.13 14.61 9.74
CA PRO B 279 -5.97 15.01 8.60
C PRO B 279 -6.22 13.85 7.62
N MET B 280 -7.37 13.86 6.93
CA MET B 280 -7.73 12.78 6.00
C MET B 280 -6.60 12.34 5.08
N MET B 281 -5.94 13.28 4.41
CA MET B 281 -5.01 12.89 3.36
C MET B 281 -3.82 12.14 3.94
N ARG B 282 -3.31 12.60 5.07
CA ARG B 282 -2.22 11.81 5.71
C ARG B 282 -2.70 10.51 6.29
N ASN B 283 -3.88 10.52 6.92
CA ASN B 283 -4.46 9.29 7.45
C ASN B 283 -4.45 8.18 6.40
N GLN B 284 -4.90 8.52 5.18
CA GLN B 284 -4.87 7.50 4.12
C GLN B 284 -3.48 7.33 3.50
N MET B 285 -2.70 8.41 3.37
CA MET B 285 -1.38 8.30 2.69
C MET B 285 -0.51 7.22 3.35
N ILE B 286 -0.49 7.20 4.69
CA ILE B 286 0.42 6.31 5.42
C ILE B 286 0.03 4.83 5.37
N THR B 287 -1.09 4.51 4.69
CA THR B 287 -1.48 3.15 4.39
C THR B 287 -1.19 2.77 2.95
N ARG B 288 -0.64 3.70 2.17
CA ARG B 288 -0.46 3.51 0.73
C ARG B 288 0.97 3.47 0.25
N VAL B 289 1.90 3.36 1.19
CA VAL B 289 3.32 3.62 0.86
C VAL B 289 4.24 2.56 1.47
N PRO B 290 4.26 1.36 0.87
CA PRO B 290 5.08 0.27 1.40
C PRO B 290 6.56 0.46 1.11
N LEU B 291 7.39 -0.28 1.83
CA LEU B 291 8.83 -0.29 1.52
C LEU B 291 9.15 -1.55 0.74
N GLY B 292 10.28 -1.51 0.06
CA GLY B 292 10.66 -2.69 -0.75
C GLY B 292 11.22 -3.86 0.05
N SER B 293 11.68 -4.89 -0.71
CA SER B 293 12.03 -6.15 -0.09
C SER B 293 13.41 -6.56 -0.55
N VAL B 294 14.29 -6.88 0.41
CA VAL B 294 15.68 -7.22 0.08
C VAL B 294 16.31 -8.01 1.21
N ILE B 295 17.16 -8.96 0.81
CA ILE B 295 18.10 -9.62 1.72
C ILE B 295 19.46 -9.21 1.27
N LYS B 296 20.26 -8.64 2.18
CA LYS B 296 21.64 -8.27 1.83
C LYS B 296 22.55 -9.36 2.34
N CYS B 297 23.39 -9.91 1.47
CA CYS B 297 24.14 -11.13 1.80
C CYS B 297 25.60 -10.88 1.49
N ILE B 298 26.50 -11.28 2.42
CA ILE B 298 27.94 -11.07 2.21
C ILE B 298 28.66 -12.42 2.43
N VAL B 299 29.26 -12.91 1.34
CA VAL B 299 30.01 -14.19 1.37
C VAL B 299 31.50 -13.86 1.45
N TYR B 300 32.19 -14.39 2.47
CA TYR B 300 33.62 -14.13 2.69
C TYR B 300 34.48 -15.25 2.17
N TYR B 301 35.67 -14.87 1.67
CA TYR B 301 36.65 -15.82 1.11
C TYR B 301 38.03 -15.51 1.64
N LYS B 302 38.93 -16.49 1.51
CA LYS B 302 40.33 -16.28 1.91
C LYS B 302 41.02 -15.15 1.16
N GLU B 303 40.78 -15.01 -0.15
CA GLU B 303 41.36 -13.95 -0.93
C GLU B 303 40.31 -13.42 -1.91
N PRO B 304 40.55 -12.23 -2.47
CA PRO B 304 39.64 -11.71 -3.51
C PRO B 304 40.04 -12.33 -4.87
N PHE B 305 39.77 -13.64 -4.98
CA PHE B 305 40.34 -14.45 -6.06
C PHE B 305 39.88 -13.99 -7.46
N TRP B 306 38.73 -13.32 -7.54
CA TRP B 306 38.21 -12.84 -8.80
C TRP B 306 39.17 -11.83 -9.45
N ARG B 307 39.90 -11.07 -8.64
CA ARG B 307 40.84 -10.10 -9.19
C ARG B 307 41.94 -10.74 -10.06
N LYS B 308 42.30 -11.98 -9.73
CA LYS B 308 43.34 -12.70 -10.52
C LYS B 308 42.88 -12.98 -11.93
N LYS B 309 41.56 -13.06 -12.14
CA LYS B 309 40.96 -13.29 -13.45
C LYS B 309 40.57 -11.99 -14.12
N ASP B 310 41.05 -10.85 -13.57
CA ASP B 310 40.71 -9.54 -14.12
C ASP B 310 39.22 -9.25 -14.04
N TYR B 311 38.61 -9.68 -12.93
CA TYR B 311 37.20 -9.30 -12.63
C TYR B 311 37.23 -8.50 -11.33
N CYS B 312 36.42 -7.46 -11.27
CA CYS B 312 36.44 -6.62 -10.07
C CYS B 312 35.51 -7.13 -8.98
N GLY B 313 34.58 -8.03 -9.33
CA GLY B 313 33.60 -8.55 -8.38
C GLY B 313 32.20 -8.04 -8.59
N THR B 314 32.04 -7.05 -9.46
CA THR B 314 30.71 -6.59 -9.86
C THR B 314 30.11 -7.56 -10.87
N MET B 315 28.92 -8.04 -10.55
CA MET B 315 28.23 -8.97 -11.46
C MET B 315 26.80 -8.47 -11.62
N ILE B 316 26.31 -8.42 -12.87
CA ILE B 316 24.90 -8.09 -13.14
C ILE B 316 24.38 -9.38 -13.72
N ILE B 317 23.45 -10.03 -13.01
CA ILE B 317 23.10 -11.43 -13.31
C ILE B 317 21.64 -11.49 -13.66
N ASP B 318 21.35 -11.81 -14.91
CA ASP B 318 19.96 -11.77 -15.36
C ASP B 318 19.28 -13.11 -15.11
N GLY B 319 17.97 -13.11 -15.10
CA GLY B 319 17.20 -14.35 -15.08
C GLY B 319 16.55 -14.74 -13.77
N GLU B 320 15.48 -15.51 -13.89
CA GLU B 320 14.73 -15.89 -12.72
C GLU B 320 15.46 -16.83 -11.76
N GLU B 321 16.28 -17.73 -12.27
CA GLU B 321 16.87 -18.75 -11.45
C GLU B 321 17.91 -18.19 -10.48
N ALA B 322 18.62 -17.14 -10.89
CA ALA B 322 19.70 -16.55 -10.05
C ALA B 322 19.11 -15.91 -8.79
N PRO B 323 19.60 -16.31 -7.61
CA PRO B 323 19.01 -15.72 -6.40
C PRO B 323 19.37 -14.24 -6.26
N VAL B 324 20.55 -13.91 -6.74
CA VAL B 324 21.17 -12.57 -6.59
C VAL B 324 21.37 -12.00 -7.95
N ALA B 325 20.82 -10.80 -8.19
CA ALA B 325 20.96 -10.18 -9.50
C ALA B 325 22.08 -9.20 -9.61
N TYR B 326 22.68 -8.82 -8.47
CA TYR B 326 23.74 -7.81 -8.50
C TYR B 326 24.67 -8.01 -7.34
N THR B 327 25.96 -7.89 -7.65
CA THR B 327 26.99 -7.96 -6.61
C THR B 327 28.01 -6.87 -6.77
N LEU B 328 28.67 -6.57 -5.65
CA LEU B 328 29.88 -5.73 -5.60
C LEU B 328 30.95 -6.39 -4.72
N ASP B 329 32.21 -6.07 -5.01
CA ASP B 329 33.33 -6.52 -4.17
C ASP B 329 33.19 -5.80 -2.81
N ASP B 330 33.18 -6.56 -1.71
CA ASP B 330 33.05 -5.95 -0.34
C ASP B 330 34.35 -6.14 0.45
N THR B 331 35.46 -6.43 -0.26
CA THR B 331 36.80 -6.58 0.40
C THR B 331 37.18 -5.24 1.02
N LYS B 332 37.85 -5.32 2.16
CA LYS B 332 38.32 -4.11 2.81
C LYS B 332 39.47 -3.46 2.08
N PRO B 333 39.73 -2.18 2.40
CA PRO B 333 40.60 -1.42 1.58
C PRO B 333 41.98 -2.03 1.60
N GLU B 334 42.32 -2.75 2.66
CA GLU B 334 43.64 -3.33 2.73
C GLU B 334 43.81 -4.69 2.00
N GLY B 335 42.75 -5.16 1.34
CA GLY B 335 42.83 -6.38 0.53
C GLY B 335 42.44 -7.58 1.38
N ASN B 336 42.15 -7.34 2.66
CA ASN B 336 41.76 -8.45 3.53
C ASN B 336 40.26 -8.47 3.78
N TYR B 337 39.81 -9.52 4.45
CA TYR B 337 38.39 -9.85 4.63
C TYR B 337 37.72 -9.86 3.27
N ALA B 338 38.33 -10.58 2.32
CA ALA B 338 37.76 -10.64 0.97
C ALA B 338 36.32 -11.09 1.02
N ALA B 339 35.47 -10.47 0.19
CA ALA B 339 34.06 -10.76 0.26
C ALA B 339 33.33 -10.24 -0.95
N ILE B 340 32.23 -10.92 -1.27
CA ILE B 340 31.29 -10.43 -2.30
C ILE B 340 29.97 -10.10 -1.62
N MET B 341 29.48 -8.87 -1.89
CA MET B 341 28.14 -8.47 -1.39
C MET B 341 27.13 -8.70 -2.53
N GLY B 342 26.02 -9.40 -2.23
CA GLY B 342 24.94 -9.49 -3.22
C GLY B 342 23.60 -9.15 -2.61
N PHE B 343 22.68 -8.68 -3.44
CA PHE B 343 21.31 -8.45 -3.00
C PHE B 343 20.37 -9.49 -3.59
N ILE B 344 19.50 -10.04 -2.72
CA ILE B 344 18.37 -10.90 -3.15
C ILE B 344 17.17 -9.95 -3.17
N LEU B 345 16.66 -9.69 -4.37
CA LEU B 345 15.75 -8.53 -4.61
C LEU B 345 14.29 -8.89 -4.76
N ALA B 346 13.42 -8.04 -4.17
CA ALA B 346 11.99 -7.99 -4.50
C ALA B 346 11.34 -9.38 -4.30
N HIS B 347 10.69 -9.98 -5.30
CA HIS B 347 10.01 -11.27 -5.05
C HIS B 347 10.96 -12.40 -4.60
N LYS B 348 12.24 -12.30 -5.00
CA LYS B 348 13.16 -13.38 -4.63
C LYS B 348 13.46 -13.29 -3.15
N ALA B 349 13.36 -12.10 -2.54
CA ALA B 349 13.60 -12.03 -1.12
C ALA B 349 12.47 -12.78 -0.42
N ARG B 350 11.25 -12.62 -0.92
CA ARG B 350 10.10 -13.31 -0.35
C ARG B 350 10.20 -14.80 -0.60
N LYS B 351 10.61 -15.20 -1.81
CA LYS B 351 10.72 -16.62 -2.15
C LYS B 351 11.76 -17.34 -1.32
N LEU B 352 12.95 -16.76 -1.24
CA LEU B 352 14.08 -17.44 -0.63
C LEU B 352 14.21 -17.28 0.88
N ALA B 353 13.36 -16.45 1.47
CA ALA B 353 13.38 -16.26 2.92
C ALA B 353 13.01 -17.55 3.66
N ARG B 354 12.28 -18.43 3.00
CA ARG B 354 11.86 -19.72 3.59
C ARG B 354 13.00 -20.71 3.80
N LEU B 355 14.10 -20.51 3.06
CA LEU B 355 15.29 -21.38 3.22
C LEU B 355 16.06 -21.09 4.52
N THR B 356 16.96 -21.99 4.91
CA THR B 356 17.88 -21.65 5.98
C THR B 356 19.03 -20.78 5.46
N LYS B 357 19.78 -20.19 6.41
CA LYS B 357 20.95 -19.40 6.13
C LYS B 357 21.96 -20.25 5.34
N GLU B 358 22.16 -21.49 5.78
CA GLU B 358 23.11 -22.38 5.09
C GLU B 358 22.66 -22.70 3.66
N GLU B 359 21.35 -22.88 3.44
CA GLU B 359 20.83 -23.13 2.10
C GLU B 359 21.01 -21.92 1.18
N ARG B 360 20.79 -20.72 1.71
CA ARG B 360 21.06 -19.52 0.91
C ARG B 360 22.55 -19.40 0.59
N LEU B 361 23.41 -19.68 1.57
CA LEU B 361 24.86 -19.62 1.31
C LEU B 361 25.25 -20.55 0.16
N LYS B 362 24.72 -21.79 0.19
CA LYS B 362 25.06 -22.74 -0.89
C LYS B 362 24.60 -22.21 -2.26
N LYS B 363 23.37 -21.70 -2.34
CA LYS B 363 22.84 -21.17 -3.60
C LYS B 363 23.72 -20.03 -4.11
N LEU B 364 24.13 -19.12 -3.22
CA LEU B 364 24.95 -17.99 -3.64
C LEU B 364 26.32 -18.44 -4.13
N CYS B 365 26.97 -19.35 -3.39
CA CYS B 365 28.30 -19.77 -3.77
C CYS B 365 28.27 -20.50 -5.11
N GLU B 366 27.25 -21.32 -5.32
CA GLU B 366 27.14 -22.01 -6.64
C GLU B 366 26.91 -21.01 -7.78
N LEU B 367 26.09 -20.01 -7.53
CA LEU B 367 25.85 -18.97 -8.51
C LEU B 367 27.18 -18.25 -8.82
N TYR B 368 27.89 -17.82 -7.77
CA TYR B 368 29.12 -17.05 -7.98
C TYR B 368 30.18 -17.89 -8.68
N ALA B 369 30.20 -19.18 -8.36
CA ALA B 369 31.16 -20.07 -9.06
C ALA B 369 30.91 -20.10 -10.58
N LYS B 370 29.63 -20.14 -10.95
CA LYS B 370 29.25 -20.12 -12.36
C LYS B 370 29.61 -18.79 -13.04
N VAL B 371 29.26 -17.68 -12.37
CA VAL B 371 29.42 -16.38 -12.99
C VAL B 371 30.88 -15.91 -13.04
N LEU B 372 31.62 -16.16 -11.96
CA LEU B 372 33.06 -15.86 -11.94
C LEU B 372 33.90 -16.97 -12.59
N GLY B 373 33.28 -18.08 -12.95
CA GLY B 373 34.02 -19.20 -13.58
C GLY B 373 35.15 -19.69 -12.69
N SER B 374 34.86 -19.86 -11.40
CA SER B 374 35.86 -20.18 -10.38
CA SER B 374 35.88 -20.29 -10.46
C SER B 374 35.35 -21.17 -9.34
N LEU B 375 36.04 -22.31 -9.14
CA LEU B 375 35.70 -23.23 -8.07
C LEU B 375 36.01 -22.60 -6.68
N GLU B 376 36.83 -21.54 -6.67
CA GLU B 376 37.15 -20.92 -5.38
C GLU B 376 35.91 -20.36 -4.73
N ALA B 377 34.89 -20.03 -5.53
CA ALA B 377 33.68 -19.49 -4.97
C ALA B 377 32.90 -20.50 -4.13
N LEU B 378 33.22 -21.80 -4.27
CA LEU B 378 32.56 -22.81 -3.49
C LEU B 378 33.17 -23.05 -2.11
N GLU B 379 34.16 -22.23 -1.72
CA GLU B 379 34.88 -22.40 -0.45
C GLU B 379 34.79 -21.16 0.44
N PRO B 380 33.57 -20.76 0.80
CA PRO B 380 33.43 -19.57 1.66
C PRO B 380 34.06 -19.84 3.03
N VAL B 381 34.56 -18.79 3.65
CA VAL B 381 35.10 -18.89 5.01
C VAL B 381 34.16 -18.31 6.06
N HIS B 382 33.13 -17.55 5.63
CA HIS B 382 32.19 -16.97 6.57
C HIS B 382 31.02 -16.40 5.76
N TYR B 383 29.90 -16.13 6.44
CA TYR B 383 28.70 -15.58 5.75
C TYR B 383 27.95 -14.69 6.72
N GLU B 384 27.47 -13.53 6.24
CA GLU B 384 26.53 -12.72 7.03
C GLU B 384 25.41 -12.29 6.10
N GLU B 385 24.22 -12.17 6.66
CA GLU B 385 23.09 -11.71 5.85
C GLU B 385 22.09 -10.99 6.73
N LYS B 386 21.24 -10.18 6.10
CA LYS B 386 20.13 -9.53 6.82
C LYS B 386 18.93 -9.41 5.88
N ASN B 387 17.83 -9.98 6.32
CA ASN B 387 16.55 -9.85 5.62
C ASN B 387 15.77 -8.69 6.22
N TRP B 388 15.73 -7.57 5.49
CA TRP B 388 15.09 -6.37 6.00
C TRP B 388 13.56 -6.44 5.97
N CYS B 389 13.00 -7.46 5.31
CA CYS B 389 11.54 -7.62 5.30
C CYS B 389 11.02 -7.99 6.67
N GLU B 390 11.88 -8.49 7.55
CA GLU B 390 11.47 -8.94 8.89
C GLU B 390 11.35 -7.84 9.92
N GLU B 391 11.79 -6.62 9.59
CA GLU B 391 11.95 -5.59 10.60
C GLU B 391 10.70 -4.80 10.91
N GLN B 392 10.15 -4.97 12.11
CA GLN B 392 8.95 -4.23 12.52
C GLN B 392 9.14 -2.70 12.42
N TYR B 393 10.34 -2.24 12.75
CA TYR B 393 10.58 -0.79 12.81
C TYR B 393 11.29 -0.23 11.59
N SER B 394 11.40 -1.03 10.52
CA SER B 394 11.75 -0.48 9.19
C SER B 394 10.65 -0.69 8.19
N GLY B 395 10.09 -1.89 8.14
CA GLY B 395 9.07 -2.24 7.12
C GLY B 395 9.65 -2.78 5.83
N GLY B 396 10.95 -2.68 5.63
CA GLY B 396 11.61 -3.19 4.42
C GLY B 396 12.85 -2.35 4.14
N CYS B 397 13.44 -2.50 2.94
CA CYS B 397 14.59 -1.66 2.50
C CYS B 397 14.58 -1.71 0.98
N TYR B 398 15.24 -0.77 0.30
CA TYR B 398 15.96 0.34 0.96
C TYR B 398 15.00 1.41 1.41
N THR B 399 13.89 1.57 0.68
CA THR B 399 13.05 2.76 0.88
C THR B 399 11.59 2.48 0.53
N THR B 400 10.79 3.52 0.69
CA THR B 400 9.36 3.49 0.32
C THR B 400 9.13 3.65 -1.19
N TYR B 401 8.32 2.76 -1.76
CA TYR B 401 7.93 2.93 -3.16
C TYR B 401 6.46 3.33 -3.24
N PHE B 402 6.10 3.94 -4.38
CA PHE B 402 4.72 4.42 -4.60
C PHE B 402 4.08 3.60 -5.69
N PRO B 403 3.01 2.86 -5.35
CA PRO B 403 2.25 2.10 -6.37
C PRO B 403 1.52 3.08 -7.27
N PRO B 404 0.96 2.57 -8.38
CA PRO B 404 0.33 3.48 -9.32
C PRO B 404 -0.81 4.30 -8.68
N GLY B 405 -0.84 5.59 -9.04
CA GLY B 405 -1.89 6.48 -8.62
C GLY B 405 -1.64 7.24 -7.32
N ILE B 406 -0.63 6.82 -6.54
CA ILE B 406 -0.51 7.35 -5.18
C ILE B 406 0.27 8.65 -5.11
N LEU B 407 1.35 8.79 -5.87
CA LEU B 407 2.18 10.00 -5.74
C LEU B 407 1.42 11.25 -6.16
N THR B 408 0.59 11.14 -7.19
CA THR B 408 -0.13 12.35 -7.62
C THR B 408 -1.22 12.68 -6.60
N GLN B 409 -1.87 11.66 -6.02
CA GLN B 409 -3.00 11.89 -5.12
C GLN B 409 -2.59 12.26 -3.72
N TYR B 410 -1.45 11.72 -3.26
CA TYR B 410 -1.02 11.93 -1.87
C TYR B 410 0.39 12.50 -1.68
N GLY B 411 1.17 12.64 -2.75
CA GLY B 411 2.58 13.06 -2.60
C GLY B 411 2.80 14.38 -1.85
N ARG B 412 1.89 15.31 -2.10
CA ARG B 412 1.99 16.64 -1.49
C ARG B 412 1.97 16.54 0.01
N VAL B 413 1.35 15.50 0.58
CA VAL B 413 1.22 15.45 2.03
C VAL B 413 2.49 14.99 2.73
N LEU B 414 3.44 14.40 2.00
CA LEU B 414 4.57 13.73 2.70
C LEU B 414 5.32 14.64 3.67
N ARG B 415 5.59 15.86 3.22
CA ARG B 415 6.39 16.85 3.94
C ARG B 415 5.54 17.85 4.69
N GLN B 416 4.22 17.79 4.51
CA GLN B 416 3.37 18.85 5.10
C GLN B 416 3.28 18.72 6.63
N PRO B 417 3.65 19.80 7.38
CA PRO B 417 3.54 19.68 8.83
C PRO B 417 2.10 19.44 9.27
N VAL B 418 1.93 18.75 10.40
CA VAL B 418 0.62 18.54 11.00
C VAL B 418 0.70 19.21 12.37
N ASP B 419 0.15 20.44 12.40
CA ASP B 419 0.23 21.32 13.61
C ASP B 419 1.69 21.52 13.99
N ARG B 420 2.18 20.86 15.04
CA ARG B 420 3.57 21.05 15.50
C ARG B 420 4.44 19.81 15.23
N ILE B 421 3.95 18.90 14.39
CA ILE B 421 4.77 17.76 13.94
C ILE B 421 5.33 18.05 12.56
N TYR B 422 6.65 17.97 12.41
CA TYR B 422 7.36 18.21 11.15
C TYR B 422 7.93 16.85 10.72
N PHE B 423 8.15 16.67 9.43
CA PHE B 423 8.48 15.32 8.88
C PHE B 423 9.83 15.29 8.26
N ALA B 424 10.69 14.42 8.80
CA ALA B 424 12.02 14.20 8.22
C ALA B 424 11.93 12.78 7.64
N GLY B 425 13.06 12.06 7.64
CA GLY B 425 13.15 10.72 6.96
C GLY B 425 13.55 10.88 5.50
N THR B 426 14.31 9.91 5.00
CA THR B 426 14.84 10.03 3.65
C THR B 426 13.75 10.16 2.59
N GLU B 427 12.59 9.55 2.85
CA GLU B 427 11.47 9.64 1.89
C GLU B 427 11.02 11.03 1.61
N THR B 428 11.33 11.98 2.51
CA THR B 428 10.90 13.38 2.30
C THR B 428 11.97 14.24 1.65
N ALA B 429 13.12 13.67 1.28
CA ALA B 429 14.20 14.44 0.62
C ALA B 429 13.86 14.74 -0.84
N THR B 430 14.57 15.72 -1.40
CA THR B 430 14.38 16.09 -2.79
C THR B 430 15.58 15.72 -3.65
N HIS B 431 16.67 15.26 -3.04
CA HIS B 431 17.87 14.82 -3.77
C HIS B 431 18.38 13.56 -3.01
N TRP B 432 18.57 12.46 -3.73
CA TRP B 432 18.95 11.17 -3.13
C TRP B 432 18.01 10.76 -2.00
N SER B 433 16.72 11.06 -2.18
CA SER B 433 15.68 10.42 -1.34
C SER B 433 15.81 8.92 -1.50
N GLY B 434 15.76 8.18 -0.38
CA GLY B 434 15.96 6.72 -0.43
C GLY B 434 17.32 6.35 0.12
N TYR B 435 18.21 7.34 0.23
CA TYR B 435 19.62 7.13 0.59
C TYR B 435 19.97 7.81 1.91
N MET B 436 21.14 7.47 2.44
CA MET B 436 21.68 8.20 3.62
C MET B 436 21.77 9.69 3.33
N GLU B 437 22.18 10.08 2.12
CA GLU B 437 22.22 11.50 1.73
C GLU B 437 20.85 12.18 1.93
N GLY B 438 19.79 11.54 1.44
CA GLY B 438 18.41 12.07 1.64
C GLY B 438 18.00 12.14 3.12
N ALA B 439 18.47 11.18 3.93
CA ALA B 439 18.14 11.21 5.35
C ALA B 439 18.73 12.52 5.95
N VAL B 440 19.98 12.84 5.59
CA VAL B 440 20.61 14.05 6.17
C VAL B 440 19.86 15.31 5.65
N GLU B 441 19.59 15.39 4.35
CA GLU B 441 18.88 16.55 3.80
C GLU B 441 17.58 16.75 4.55
N ALA B 442 16.78 15.68 4.69
CA ALA B 442 15.44 15.83 5.30
C ALA B 442 15.48 16.16 6.80
N GLY B 443 16.45 15.59 7.52
CA GLY B 443 16.49 15.79 8.98
C GLY B 443 16.91 17.23 9.24
N GLU B 444 17.85 17.73 8.48
CA GLU B 444 18.33 19.11 8.69
C GLU B 444 17.26 20.09 8.22
N ARG B 445 16.57 19.79 7.11
CA ARG B 445 15.46 20.67 6.66
C ARG B 445 14.30 20.70 7.68
N ALA B 446 13.86 19.54 8.19
CA ALA B 446 12.83 19.52 9.22
C ALA B 446 13.28 20.29 10.45
N ALA B 447 14.52 20.09 10.89
CA ALA B 447 15.03 20.89 12.04
C ALA B 447 14.93 22.41 11.78
N ARG B 448 15.34 22.84 10.60
CA ARG B 448 15.30 24.28 10.25
C ARG B 448 13.85 24.78 10.06
N GLU B 449 12.91 23.91 9.66
CA GLU B 449 11.49 24.31 9.71
C GLU B 449 11.08 24.71 11.15
N ILE B 450 11.53 23.94 12.15
CA ILE B 450 11.23 24.23 13.55
C ILE B 450 11.94 25.50 13.98
N LEU B 451 13.21 25.64 13.62
CA LEU B 451 13.93 26.90 13.97
C LEU B 451 13.19 28.10 13.38
N HIS B 452 12.70 27.99 12.14
CA HIS B 452 11.89 29.06 11.54
C HIS B 452 10.57 29.27 12.30
N ALA B 453 9.88 28.21 12.67
CA ALA B 453 8.63 28.35 13.46
C ALA B 453 8.88 29.07 14.80
N MET B 454 10.09 28.90 15.34
CA MET B 454 10.48 29.56 16.60
C MET B 454 10.95 30.99 16.39
N GLY B 455 11.00 31.42 15.14
CA GLY B 455 11.48 32.76 14.77
C GLY B 455 12.98 32.96 14.91
N LYS B 456 13.73 31.85 14.99
CA LYS B 456 15.19 31.87 15.09
C LYS B 456 15.94 32.06 13.78
N ILE B 457 15.35 31.67 12.66
CA ILE B 457 15.94 31.88 11.34
C ILE B 457 14.87 32.33 10.35
N PRO B 458 15.26 33.03 9.26
CA PRO B 458 14.26 33.41 8.27
C PRO B 458 13.81 32.27 7.36
N GLU B 459 12.70 32.48 6.65
CA GLU B 459 12.16 31.44 5.76
C GLU B 459 13.15 30.93 4.72
N ASP B 460 14.00 31.81 4.19
CA ASP B 460 14.89 31.42 3.09
C ASP B 460 16.06 30.58 3.54
N GLU B 461 16.13 30.28 4.83
CA GLU B 461 17.22 29.46 5.38
C GLU B 461 16.70 28.06 5.70
N ILE B 462 15.42 27.83 5.45
CA ILE B 462 14.87 26.46 5.69
C ILE B 462 15.56 25.42 4.78
N TRP B 463 15.71 25.75 3.51
CA TRP B 463 16.40 24.88 2.55
C TRP B 463 17.75 25.47 2.26
N GLN B 464 18.81 24.70 2.48
CA GLN B 464 20.18 25.21 2.41
C GLN B 464 20.98 24.37 1.40
N SER B 465 21.71 25.03 0.50
CA SER B 465 22.62 24.32 -0.42
C SER B 465 23.78 23.70 0.39
N GLU B 466 24.50 22.79 -0.25
CA GLU B 466 25.67 22.11 0.37
C GLU B 466 26.88 22.24 -0.55
N PRO B 467 27.99 22.75 0.00
CA PRO B 467 29.22 22.87 -0.80
C PRO B 467 29.67 21.46 -1.23
N GLU B 468 30.28 21.38 -2.40
CA GLU B 468 30.79 20.08 -2.85
C GLU B 468 31.94 19.57 -1.99
N SER B 469 31.88 18.27 -1.65
CA SER B 469 32.96 17.59 -0.96
C SER B 469 34.29 17.77 -1.71
N VAL B 470 35.36 18.12 -0.96
CA VAL B 470 36.70 18.15 -1.55
C VAL B 470 37.29 16.75 -1.74
N ASP B 471 36.83 15.78 -0.95
CA ASP B 471 37.37 14.41 -0.94
C ASP B 471 36.76 13.52 -1.99
N VAL B 472 35.53 13.87 -2.35
CA VAL B 472 34.70 13.05 -3.27
C VAL B 472 34.06 13.97 -4.30
N PRO B 473 34.87 14.63 -5.13
CA PRO B 473 34.30 15.56 -6.10
C PRO B 473 33.53 14.82 -7.21
N ALA B 474 32.51 15.47 -7.75
CA ALA B 474 31.79 14.88 -8.87
C ALA B 474 32.42 15.26 -10.19
N GLN B 475 32.48 14.30 -11.10
CA GLN B 475 32.80 14.58 -12.49
C GLN B 475 31.51 14.61 -13.31
N PRO B 476 31.51 15.39 -14.39
CA PRO B 476 30.29 15.54 -15.20
C PRO B 476 29.87 14.21 -15.84
N ILE B 477 28.55 14.03 -15.98
CA ILE B 477 28.02 12.90 -16.73
C ILE B 477 27.94 13.38 -18.17
N THR B 478 28.51 12.61 -19.08
CA THR B 478 28.51 13.01 -20.49
C THR B 478 27.85 11.95 -21.35
N THR B 479 27.53 12.35 -22.57
CA THR B 479 26.96 11.42 -23.58
C THR B 479 27.70 11.66 -24.88
N THR B 480 27.59 10.73 -25.81
CA THR B 480 28.24 10.90 -27.12
C THR B 480 27.22 11.39 -28.11
N PHE B 481 27.70 11.92 -29.23
CA PHE B 481 26.82 12.33 -30.30
C PHE B 481 25.87 11.21 -30.71
N LEU B 482 26.42 10.03 -30.91
CA LEU B 482 25.63 8.87 -31.32
C LEU B 482 24.57 8.49 -30.29
N GLU B 483 24.96 8.48 -29.01
CA GLU B 483 23.98 8.20 -27.95
C GLU B 483 22.80 9.19 -28.02
N ARG B 484 23.09 10.46 -28.28
CA ARG B 484 22.09 11.49 -28.25
C ARG B 484 21.16 11.40 -29.47
N HIS B 485 21.70 10.96 -30.60
CA HIS B 485 20.98 11.09 -31.87
C HIS B 485 20.55 9.82 -32.61
N LEU B 486 21.07 8.67 -32.21
CA LEU B 486 20.63 7.44 -32.86
C LEU B 486 19.14 7.26 -32.66
N PRO B 487 18.44 6.77 -33.68
CA PRO B 487 16.98 6.65 -33.53
C PRO B 487 16.59 5.47 -32.61
N SER B 488 15.38 5.53 -32.07
CA SER B 488 14.75 4.35 -31.46
C SER B 488 14.41 3.29 -32.52
N VAL B 489 13.96 2.11 -32.10
CA VAL B 489 13.47 1.08 -33.03
C VAL B 489 12.29 1.62 -33.86
N PRO B 490 11.21 2.13 -33.20
CA PRO B 490 10.12 2.65 -34.05
C PRO B 490 10.55 3.88 -34.87
N GLY B 491 11.60 4.56 -34.43
CA GLY B 491 12.20 5.67 -35.17
C GLY B 491 12.84 5.21 -36.46
N LEU B 492 13.67 4.18 -36.38
CA LEU B 492 14.28 3.54 -37.56
C LEU B 492 13.23 2.95 -38.51
N LEU B 493 12.09 2.52 -37.96
CA LEU B 493 10.97 2.00 -38.78
C LEU B 493 10.22 3.12 -39.54
N ARG B 494 10.17 4.33 -38.96
CA ARG B 494 9.63 5.51 -39.67
C ARG B 494 10.49 5.87 -40.90
N LEU B 495 11.81 5.86 -40.72
CA LEU B 495 12.74 5.99 -41.85
C LEU B 495 12.76 4.74 -42.76
N ILE B 496 11.74 3.88 -42.64
CA ILE B 496 11.60 2.68 -43.47
C ILE B 496 10.14 2.42 -43.83
PA FAD C . -15.00 -2.83 11.00
O1A FAD C . -13.99 -1.92 10.41
O2A FAD C . -16.41 -2.51 10.89
O5B FAD C . -14.67 -3.10 12.52
C5B FAD C . -13.39 -2.97 13.09
C4B FAD C . -13.51 -2.38 14.52
O4B FAD C . -12.15 -2.37 15.03
C3B FAD C . -13.96 -0.92 14.46
O3B FAD C . -15.08 -0.78 15.37
C2B FAD C . -12.72 -0.15 14.93
O2B FAD C . -13.01 1.03 15.71
C1B FAD C . -12.01 -1.17 15.80
N9A FAD C . -10.53 -0.96 15.86
C8A FAD C . -9.65 -0.56 14.89
N7A FAD C . -8.42 -0.55 15.39
C5A FAD C . -8.47 -0.96 16.66
C6A FAD C . -7.53 -1.13 17.68
N6A FAD C . -6.21 -0.93 17.54
N1A FAD C . -7.97 -1.55 18.88
C2A FAD C . -9.26 -1.78 19.12
N3A FAD C . -10.23 -1.63 18.21
C4A FAD C . -9.82 -1.23 16.95
N1 FAD C . -21.23 -3.47 3.41
C2 FAD C . -22.42 -4.04 3.14
O2 FAD C . -22.63 -5.20 3.47
N3 FAD C . -23.45 -3.26 2.54
C4 FAD C . -23.22 -1.93 2.21
O4 FAD C . -24.17 -1.26 1.76
C4X FAD C . -21.98 -1.33 2.41
N5 FAD C . -21.68 -0.02 1.94
C5X FAD C . -20.64 0.63 2.63
C6 FAD C . -20.61 2.01 2.62
C7 FAD C . -19.69 2.70 3.36
C7M FAD C . -19.72 4.20 3.20
C8 FAD C . -18.83 2.01 4.22
C8M FAD C . -17.83 2.73 5.18
C9 FAD C . -18.87 0.62 4.29
C9A FAD C . -19.80 -0.06 3.52
N10 FAD C . -19.86 -1.44 3.59
C10 FAD C . -20.94 -2.12 3.00
C1' FAD C . -18.77 -2.31 4.14
C2' FAD C . -19.16 -2.75 5.58
O2' FAD C . -19.47 -1.59 6.38
C3' FAD C . -17.91 -3.49 6.18
O3' FAD C . -17.60 -4.59 5.32
C4' FAD C . -18.17 -4.12 7.55
O4' FAD C . -18.81 -3.17 8.41
C5' FAD C . -16.78 -4.49 8.08
O5' FAD C . -16.95 -5.09 9.38
P FAD C . -15.63 -5.58 10.17
O1P FAD C . -16.10 -5.95 11.54
O2P FAD C . -14.78 -6.50 9.37
O3P FAD C . -14.74 -4.27 10.31
CAE XCG D . -25.22 -1.22 -13.22
CAM XCG D . -24.07 -0.57 -13.25
CAC XCG D . -23.01 -0.59 -14.13
CAA XCG D . -21.89 0.20 -13.87
CAB XCG D . -21.86 1.04 -12.76
CAD XCG D . -22.93 1.07 -11.88
CAN XCG D . -24.02 0.25 -12.13
OAJ XCG D . -25.19 0.08 -11.43
CAL XCG D . -25.90 -0.83 -12.14
CAK XCG D . -27.15 -1.19 -11.64
NAH XCG D . -27.85 -2.23 -12.10
CAF XCG D . -29.08 -2.35 -11.39
CAG XCG D . -29.05 -1.25 -10.34
NAI XCG D . -27.79 -0.57 -10.62
C1 C15 E . -5.91 -5.80 -27.31
C2 C15 E . -6.93 -4.87 -27.96
C3 C15 E . -6.64 -3.40 -27.67
C5 C15 E . -3.79 -2.83 -42.00
C6 C15 E . -4.66 -3.65 -41.06
C7 C15 E . -4.32 -3.34 -39.61
C8 C15 E . -5.52 -3.57 -38.69
N1 C15 E . -7.70 -2.46 -28.13
C1N C15 E . -9.01 -2.80 -27.53
C2N C15 E . -7.31 -1.10 -27.70
C9 C15 E . -5.07 -4.10 -37.33
C10 C15 E . -5.86 -3.44 -36.21
C11 C15 E . -4.98 -2.95 -35.06
C12 C15 E . -5.61 -3.38 -33.72
C13 C15 E . -5.56 -2.25 -32.69
C14 C15 E . -6.86 -2.15 -31.90
C15 C15 E . -6.57 -2.20 -30.39
C16 C15 E . -7.87 -2.45 -29.62
S1 C15 E . -5.65 -7.13 -28.30
O1S C15 E . -4.65 -8.04 -27.67
O2S C15 E . -5.11 -6.63 -29.58
O3S C15 E . -6.94 -7.84 -28.50
PA FAD F . 15.57 4.89 9.27
O1A FAD F . 14.53 3.90 8.99
O2A FAD F . 16.98 4.55 9.14
O5B FAD F . 15.36 5.43 10.78
C5B FAD F . 14.07 5.46 11.41
C4B FAD F . 14.33 5.09 12.88
O4B FAD F . 12.99 5.18 13.47
C3B FAD F . 14.74 3.62 13.09
O3B FAD F . 15.93 3.62 13.95
C2B FAD F . 13.52 2.93 13.72
O2B FAD F . 13.91 1.93 14.66
C1B FAD F . 12.89 4.12 14.44
N9A FAD F . 11.42 3.95 14.64
C8A FAD F . 10.46 3.40 13.85
N7A FAD F . 9.27 3.49 14.39
C5A FAD F . 9.43 4.11 15.60
C6A FAD F . 8.54 4.45 16.63
N6A FAD F . 7.22 4.22 16.59
N1A FAD F . 9.07 5.11 17.72
C2A FAD F . 10.39 5.39 17.79
N3A FAD F . 11.29 5.03 16.86
C4A FAD F . 10.78 4.39 15.76
N1 FAD F . 21.40 4.08 1.38
C2 FAD F . 22.53 4.58 0.86
O2 FAD F . 22.79 5.78 0.99
N3 FAD F . 23.52 3.73 0.38
C4 FAD F . 23.31 2.34 0.30
O4 FAD F . 24.22 1.63 -0.14
C4X FAD F . 22.11 1.83 0.67
N5 FAD F . 21.72 0.50 0.49
C5X FAD F . 20.76 -0.04 1.31
C6 FAD F . 20.75 -1.41 1.54
C7 FAD F . 19.88 -1.98 2.47
C7M FAD F . 19.83 -3.50 2.60
C8 FAD F . 19.08 -1.17 3.29
C8M FAD F . 18.13 -1.68 4.40
C9 FAD F . 19.13 0.21 3.09
C9A FAD F . 19.97 0.78 2.14
N10 FAD F . 20.04 2.17 1.99
C10 FAD F . 21.05 2.70 1.18
C1' FAD F . 18.94 3.05 2.46
C2' FAD F . 19.44 3.84 3.69
O2' FAD F . 19.85 2.85 4.70
C3' FAD F . 18.23 4.65 4.19
O3' FAD F . 17.86 5.61 3.17
C4' FAD F . 18.52 5.53 5.43
O4' FAD F . 19.23 4.73 6.38
C5' FAD F . 17.16 5.96 5.99
O5' FAD F . 17.44 6.83 7.14
P FAD F . 16.20 7.40 7.95
O1P FAD F . 16.79 8.05 9.15
O2P FAD F . 15.34 8.22 7.06
O3P FAD F . 15.23 6.14 8.35
CAE XCG G . 24.41 -1.17 -14.85
CAM XCG G . 23.26 -1.82 -14.71
CAC XCG G . 22.16 -1.98 -15.55
CAA XCG G . 21.07 -2.71 -15.09
CAB XCG G . 21.07 -3.32 -13.84
CAD XCG G . 22.18 -3.16 -13.00
CAN XCG G . 23.25 -2.41 -13.45
OAJ XCG G . 24.46 -2.11 -12.86
CAL XCG G . 25.15 -1.35 -13.73
CAK XCG G . 26.41 -0.89 -13.37
NAH XCG G . 27.07 -0.01 -14.10
CAF XCG G . 28.30 0.36 -13.49
CAG XCG G . 28.38 -0.48 -12.23
NAI XCG G . 27.10 -1.24 -12.26
C1 C15 H . 4.36 0.52 -28.18
C2 C15 H . 5.18 -0.57 -28.87
C3 C15 H . 4.73 -1.94 -28.35
C5 C15 H . 3.48 -5.55 -42.96
C6 C15 H . 3.31 -5.88 -41.48
C7 C15 H . 4.27 -5.07 -40.62
C8 C15 H . 4.56 -5.75 -39.27
N1 C15 H . 5.72 -3.00 -28.56
C1N C15 H . 7.05 -2.57 -28.06
C2N C15 H . 5.28 -4.16 -27.78
C9 C15 H . 4.70 -4.76 -38.12
C10 C15 H . 4.54 -5.47 -36.77
C11 C15 H . 4.78 -4.54 -35.57
C12 C15 H . 4.13 -5.09 -34.28
C13 C15 H . 5.00 -4.84 -33.05
C14 C15 H . 4.43 -3.77 -32.12
C15 C15 H . 4.66 -4.08 -30.63
C16 C15 H . 5.87 -3.35 -30.00
S1 C15 H . 3.62 1.51 -29.30
O1S C15 H . 4.58 2.57 -29.73
O2S C15 H . 2.45 2.12 -28.64
O3S C15 H . 3.18 0.75 -30.49
#